data_2DPC
# 
_entry.id   2DPC 
# 
_audit_conform.dict_name       mmcif_pdbx.dic 
_audit_conform.dict_version    5.380 
_audit_conform.dict_location   http://mmcif.pdb.org/dictionaries/ascii/mmcif_pdbx.dic 
# 
loop_
_database_2.database_id 
_database_2.database_code 
_database_2.pdbx_database_accession 
_database_2.pdbx_DOI 
PDB   2DPC         pdb_00002dpc 10.2210/pdb2dpc/pdb 
NDB   BD0097       ?            ?                   
RCSB  RCSB025684   ?            ?                   
WWPDB D_1000025684 ?            ?                   
# 
loop_
_pdbx_database_related.db_name 
_pdbx_database_related.db_id 
_pdbx_database_related.details 
_pdbx_database_related.content_type 
PDB 2DP7 . unspecified 
PDB 2DPB . unspecified 
# 
_pdbx_database_status.status_code                     REL 
_pdbx_database_status.entry_id                        2DPC 
_pdbx_database_status.recvd_initial_deposition_date   2006-05-08 
_pdbx_database_status.deposit_site                    PDBJ 
_pdbx_database_status.process_site                    PDBJ 
_pdbx_database_status.status_code_sf                  REL 
_pdbx_database_status.status_code_mr                  ? 
_pdbx_database_status.SG_entry                        ? 
_pdbx_database_status.pdb_format_compatible           Y 
_pdbx_database_status.status_code_cs                  ? 
_pdbx_database_status.status_code_nmr_data            ? 
_pdbx_database_status.methods_development_category    ? 
# 
loop_
_audit_author.name 
_audit_author.pdbx_ordinal 
'Juan, E.C.M.' 1 
'Kondo, J.'    2 
'Kurihara, T.' 3 
'Ito, T.'      4 
'Ueno, Y.'     5 
'Matsuda, A.'  6 
'Takenaka, A.' 7 
# 
_citation.id                        primary 
_citation.title                     
;Crystal structures of DNA:DNA and DNA:RNA duplexes containing 5-(N-aminohexyl)carbamoyl-modified uracils reveal the basis for properties as antigene and antisense molecules
;
_citation.journal_abbrev            'Nucleic Acids Res.' 
_citation.journal_volume            35 
_citation.page_first                1969 
_citation.page_last                 1977 
_citation.year                      2007 
_citation.journal_id_ASTM           NARHAD 
_citation.country                   UK 
_citation.journal_id_ISSN           0305-1048 
_citation.journal_id_CSD            0389 
_citation.book_publisher            ? 
_citation.pdbx_database_id_PubMed   17341465 
_citation.pdbx_database_id_DOI      10.1093/nar/gkl821 
# 
loop_
_citation_author.citation_id 
_citation_author.name 
_citation_author.ordinal 
_citation_author.identifier_ORCID 
primary 'Juan, E.C.M.' 1 ? 
primary 'Kondo, J.'    2 ? 
primary 'Kurihara, T.' 3 ? 
primary 'Ito, T.'      4 ? 
primary 'Ueno, Y.'     5 ? 
primary 'Matsuda, A.'  6 ? 
primary 'Takenaka, A.' 7 ? 
# 
_cell.entry_id           2DPC 
_cell.length_a           25.214 
_cell.length_b           40.533 
_cell.length_c           63.887 
_cell.angle_alpha        90.00 
_cell.angle_beta         90.00 
_cell.angle_gamma        90.00 
_cell.Z_PDB              8 
_cell.pdbx_unique_axis   ? 
_cell.length_a_esd       ? 
_cell.length_b_esd       ? 
_cell.length_c_esd       ? 
_cell.angle_alpha_esd    ? 
_cell.angle_beta_esd     ? 
_cell.angle_gamma_esd    ? 
# 
_symmetry.entry_id                         2DPC 
_symmetry.space_group_name_H-M             'P 21 21 21' 
_symmetry.pdbx_full_space_group_name_H-M   ? 
_symmetry.cell_setting                     ? 
_symmetry.Int_Tables_number                19 
_symmetry.space_group_name_Hall            ? 
# 
loop_
_entity.id 
_entity.type 
_entity.src_method 
_entity.pdbx_description 
_entity.formula_weight 
_entity.pdbx_number_of_molecules 
_entity.pdbx_ec 
_entity.pdbx_mutation 
_entity.pdbx_fragment 
_entity.details 
1 polymer     syn 
;DNA (5'-D(*DCP*DGP*DCP*DGP*DAP*DAP*DTP*(OMU)P*DCP*DGP*DCP*DG)-3')
;
3679.392 2   ? ? ? ? 
2 non-polymer syn 'COBALT (II) ION'                                                   58.933   3   ? ? ? ? 
3 non-polymer syn 'MAGNESIUM ION'                                                     24.305   1   ? ? ? ? 
4 non-polymer syn '(6-AMINOHEXYL)CARBAMIC ACID'                                       160.214  2   ? ? ? ? 
5 water       nat water                                                               18.015   236 ? ? ? ? 
# 
_entity_poly.entity_id                      1 
_entity_poly.type                           polydeoxyribonucleotide 
_entity_poly.nstd_linkage                   no 
_entity_poly.nstd_monomer                   yes 
_entity_poly.pdbx_seq_one_letter_code       '(DC)(DG)(DC)(DG)(DA)(DA)(DT)(OMU)(DC)(DG)(DC)(DG)' 
_entity_poly.pdbx_seq_one_letter_code_can   CGCGAATUCGCG 
_entity_poly.pdbx_strand_id                 A,B 
_entity_poly.pdbx_target_identifier         ? 
# 
loop_
_entity_poly_seq.entity_id 
_entity_poly_seq.num 
_entity_poly_seq.mon_id 
_entity_poly_seq.hetero 
1 1  DC  n 
1 2  DG  n 
1 3  DC  n 
1 4  DG  n 
1 5  DA  n 
1 6  DA  n 
1 7  DT  n 
1 8  OMU n 
1 9  DC  n 
1 10 DG  n 
1 11 DC  n 
1 12 DG  n 
# 
_pdbx_entity_src_syn.entity_id              1 
_pdbx_entity_src_syn.pdbx_src_id            1 
_pdbx_entity_src_syn.pdbx_alt_source_flag   sample 
_pdbx_entity_src_syn.pdbx_beg_seq_num       ? 
_pdbx_entity_src_syn.pdbx_end_seq_num       ? 
_pdbx_entity_src_syn.organism_scientific    ? 
_pdbx_entity_src_syn.organism_common_name   ? 
_pdbx_entity_src_syn.ncbi_taxonomy_id       ? 
_pdbx_entity_src_syn.details                'This DNA dodecamer is a synthetic construct.' 
# 
_struct_ref.id                         1 
_struct_ref.db_name                    PDB 
_struct_ref.db_code                    2DPC 
_struct_ref.entity_id                  1 
_struct_ref.pdbx_seq_one_letter_code   'CGCGAAT(OMU)CGCG' 
_struct_ref.pdbx_align_begin           1 
_struct_ref.pdbx_db_accession          2DPC 
_struct_ref.pdbx_db_isoform            ? 
# 
loop_
_struct_ref_seq.align_id 
_struct_ref_seq.ref_id 
_struct_ref_seq.pdbx_PDB_id_code 
_struct_ref_seq.pdbx_strand_id 
_struct_ref_seq.seq_align_beg 
_struct_ref_seq.pdbx_seq_align_beg_ins_code 
_struct_ref_seq.seq_align_end 
_struct_ref_seq.pdbx_seq_align_end_ins_code 
_struct_ref_seq.pdbx_db_accession 
_struct_ref_seq.db_align_beg 
_struct_ref_seq.pdbx_db_align_beg_ins_code 
_struct_ref_seq.db_align_end 
_struct_ref_seq.pdbx_db_align_end_ins_code 
_struct_ref_seq.pdbx_auth_seq_align_beg 
_struct_ref_seq.pdbx_auth_seq_align_end 
1 1 2DPC A 1 ? 12 ? 2DPC 1  ? 12 ? 1  12 
2 1 2DPC B 1 ? 12 ? 2DPC 13 ? 24 ? 13 24 
# 
loop_
_chem_comp.id 
_chem_comp.type 
_chem_comp.mon_nstd_flag 
_chem_comp.name 
_chem_comp.pdbx_synonyms 
_chem_comp.formula 
_chem_comp.formula_weight 
CMY non-polymer   . '(6-AMINOHEXYL)CARBAMIC ACID'        ? 'C7 H16 N2 O2'    160.214 
CO  non-polymer   . 'COBALT (II) ION'                    ? 'Co 2'            58.933  
DA  'DNA linking' y "2'-DEOXYADENOSINE-5'-MONOPHOSPHATE" ? 'C10 H14 N5 O6 P' 331.222 
DC  'DNA linking' y "2'-DEOXYCYTIDINE-5'-MONOPHOSPHATE"  ? 'C9 H14 N3 O7 P'  307.197 
DG  'DNA linking' y "2'-DEOXYGUANOSINE-5'-MONOPHOSPHATE" ? 'C10 H14 N5 O7 P' 347.221 
DT  'DNA linking' y "THYMIDINE-5'-MONOPHOSPHATE"         ? 'C10 H15 N2 O8 P' 322.208 
HOH non-polymer   . WATER                                ? 'H2 O'            18.015  
MG  non-polymer   . 'MAGNESIUM ION'                      ? 'Mg 2'            24.305  
OMU 'RNA linking' n 
;O2'-METHYLURIDINE 5'-MONOPHOSPHATE
;
? 'C10 H15 N2 O9 P' 338.208 
# 
_exptl.entry_id          2DPC 
_exptl.method            'X-RAY DIFFRACTION' 
_exptl.crystals_number   1 
# 
_exptl_crystal.id                    1 
_exptl_crystal.density_meas          ? 
_exptl_crystal.density_Matthews      2.13 
_exptl_crystal.density_percent_sol   42.14 
_exptl_crystal.description           ? 
_exptl_crystal.F_000                 ? 
_exptl_crystal.preparation           ? 
# 
_exptl_crystal_grow.crystal_id      1 
_exptl_crystal_grow.method          'VAPOR DIFFUSION, HANGING DROP' 
_exptl_crystal_grow.temp            277 
_exptl_crystal_grow.temp_details    ? 
_exptl_crystal_grow.pH              5.5 
_exptl_crystal_grow.pdbx_details    
;20mM sodium cacodylate, pH 5.5, 40mM sodium chloride, 5mM magnesium chloride, 5mM cobalt hexamine and 5%(v/v) MPD, equilibrated against 35%(v/v) MPD, VAPOR DIFFUSION, HANGING DROP, temperature 277K
;
_exptl_crystal_grow.pdbx_pH_range   . 
# 
loop_
_exptl_crystal_grow_comp.crystal_id 
_exptl_crystal_grow_comp.id 
_exptl_crystal_grow_comp.sol_id 
_exptl_crystal_grow_comp.name 
_exptl_crystal_grow_comp.volume 
_exptl_crystal_grow_comp.conc 
_exptl_crystal_grow_comp.details 
1 1  1 'sodium cacodylate'  ? ? ? 
1 2  1 'sodium chloride'    ? ? ? 
1 3  1 'magnesium chloride' ? ? ? 
1 4  1 'cobalt hexamine'    ? ? ? 
1 5  1 MPD                  ? ? ? 
1 6  1 HOH                  ? ? ? 
1 7  2 'sodium cacodylate'  ? ? ? 
1 8  2 'sodium chloride'    ? ? ? 
1 9  2 'magnesium chloride' ? ? ? 
1 10 2 MPD                  ? ? ? 
1 11 2 HOH                  ? ? ? 
# 
_diffrn.id                     1 
_diffrn.ambient_temp           100 
_diffrn.ambient_temp_details   ? 
_diffrn.crystal_id             1 
# 
_diffrn_detector.diffrn_id              1 
_diffrn_detector.detector               CCD 
_diffrn_detector.type                   'ADSC QUANTUM 4' 
_diffrn_detector.pdbx_collection_date   2002-01-18 
_diffrn_detector.details                ? 
# 
_diffrn_radiation.diffrn_id                        1 
_diffrn_radiation.wavelength_id                    1 
_diffrn_radiation.pdbx_monochromatic_or_laue_m_l   M 
_diffrn_radiation.monochromator                    'SI(111)' 
_diffrn_radiation.pdbx_diffrn_protocol             'SINGLE WAVELENGTH' 
_diffrn_radiation.pdbx_scattering_type             x-ray 
# 
_diffrn_radiation_wavelength.id           1 
_diffrn_radiation_wavelength.wavelength   1.000 
_diffrn_radiation_wavelength.wt           1.0 
# 
_diffrn_source.diffrn_id                   1 
_diffrn_source.source                      SYNCHROTRON 
_diffrn_source.type                        'PHOTON FACTORY BEAMLINE BL-18B' 
_diffrn_source.pdbx_synchrotron_site       'Photon Factory' 
_diffrn_source.pdbx_synchrotron_beamline   BL-18B 
_diffrn_source.pdbx_wavelength             ? 
_diffrn_source.pdbx_wavelength_list        1.000 
# 
_reflns.entry_id                     2DPC 
_reflns.observed_criterion_sigma_I   0.0 
_reflns.observed_criterion_sigma_F   0.0 
_reflns.d_resolution_low             19.318 
_reflns.d_resolution_high            1.550 
_reflns.number_obs                   9980 
_reflns.number_all                   ? 
_reflns.percent_possible_obs         99.8 
_reflns.pdbx_Rmerge_I_obs            0.053 
_reflns.pdbx_Rsym_value              ? 
_reflns.pdbx_netI_over_sigmaI        7.9 
_reflns.B_iso_Wilson_estimate        ? 
_reflns.pdbx_redundancy              ? 
_reflns.R_free_details               ? 
_reflns.pdbx_chi_squared             ? 
_reflns.pdbx_scaling_rejects         ? 
_reflns.pdbx_diffrn_id               1 
_reflns.pdbx_ordinal                 1 
# 
_reflns_shell.d_res_high             1.55 
_reflns_shell.d_res_low              1.63 
_reflns_shell.percent_possible_all   99.8 
_reflns_shell.Rmerge_I_obs           0.275 
_reflns_shell.pdbx_Rsym_value        ? 
_reflns_shell.meanI_over_sigI_obs    2.8 
_reflns_shell.pdbx_redundancy        ? 
_reflns_shell.percent_possible_obs   ? 
_reflns_shell.number_unique_all      ? 
_reflns_shell.number_measured_all    ? 
_reflns_shell.number_measured_obs    ? 
_reflns_shell.number_unique_obs      ? 
_reflns_shell.pdbx_chi_squared       ? 
_reflns_shell.pdbx_diffrn_id         ? 
_reflns_shell.pdbx_ordinal           1 
# 
_refine.entry_id                                 2DPC 
_refine.ls_number_reflns_obs                     9606 
_refine.ls_number_reflns_all                     9957 
_refine.pdbx_ls_sigma_I                          ? 
_refine.pdbx_ls_sigma_F                          3.0 
_refine.pdbx_data_cutoff_high_absF               ? 
_refine.pdbx_data_cutoff_low_absF                ? 
_refine.pdbx_data_cutoff_high_rms_absF           ? 
_refine.ls_d_res_low                             10 
_refine.ls_d_res_high                            1.55 
_refine.ls_percent_reflns_obs                    96.5 
_refine.ls_R_factor_obs                          ? 
_refine.ls_R_factor_all                          ? 
_refine.ls_R_factor_R_work                       0.2154 
_refine.ls_R_factor_R_free                       0.2656 
_refine.ls_R_factor_R_free_error                 ? 
_refine.ls_R_factor_R_free_error_details         ? 
_refine.ls_percent_reflns_R_free                 ? 
_refine.ls_number_reflns_R_free                  990 
_refine.ls_number_parameters                     ? 
_refine.ls_number_restraints                     ? 
_refine.occupancy_min                            ? 
_refine.occupancy_max                            ? 
_refine.correlation_coeff_Fo_to_Fc               ? 
_refine.correlation_coeff_Fo_to_Fc_free          ? 
_refine.B_iso_mean                               ? 
_refine.aniso_B[1][1]                            1.987 
_refine.aniso_B[2][2]                            -5.456 
_refine.aniso_B[3][3]                            3.470 
_refine.aniso_B[1][2]                            0.000 
_refine.aniso_B[1][3]                            0.000 
_refine.aniso_B[2][3]                            0.000 
_refine.solvent_model_details                    ? 
_refine.solvent_model_param_ksol                 ? 
_refine.solvent_model_param_bsol                 ? 
_refine.pdbx_solvent_vdw_probe_radii             ? 
_refine.pdbx_solvent_ion_probe_radii             ? 
_refine.pdbx_solvent_shrinkage_radii             ? 
_refine.pdbx_ls_cross_valid_method               ? 
_refine.details                                  
;The value of the item "Number reflections (observed)" is the number of reflections used in refinement. This value excludes the reflections that have sigma(F) less than 3.0.
;
_refine.pdbx_starting_model                      'PDB ENTRY 355D' 
_refine.pdbx_method_to_determine_struct          'MOLECULAR REPLACEMENT' 
_refine.pdbx_isotropic_thermal_model             ? 
_refine.pdbx_stereochemistry_target_values       'Maximum Likelihood' 
_refine.pdbx_stereochem_target_val_spec_case     ? 
_refine.pdbx_R_Free_selection_details            RANDOM 
_refine.pdbx_overall_ESU_R                       ? 
_refine.pdbx_overall_ESU_R_Free                  ? 
_refine.overall_SU_ML                            ? 
_refine.overall_SU_B                             ? 
_refine.ls_redundancy_reflns_obs                 ? 
_refine.overall_SU_R_Cruickshank_DPI             ? 
_refine.overall_SU_R_free                        ? 
_refine.ls_wR_factor_R_free                      ? 
_refine.ls_wR_factor_R_work                      ? 
_refine.overall_FOM_free_R_set                   ? 
_refine.overall_FOM_work_R_set                   ? 
_refine.pdbx_refine_id                           'X-RAY DIFFRACTION' 
_refine.pdbx_diffrn_id                           1 
_refine.pdbx_TLS_residual_ADP_flag               ? 
_refine.pdbx_overall_phase_error                 ? 
_refine.pdbx_overall_SU_R_free_Cruickshank_DPI   ? 
_refine.pdbx_overall_SU_R_Blow_DPI               ? 
_refine.pdbx_overall_SU_R_free_Blow_DPI          ? 
# 
_refine_hist.pdbx_refine_id                   'X-RAY DIFFRACTION' 
_refine_hist.cycle_id                         LAST 
_refine_hist.pdbx_number_atoms_protein        0 
_refine_hist.pdbx_number_atoms_nucleic_acid   488 
_refine_hist.pdbx_number_atoms_ligand         24 
_refine_hist.number_atoms_solvent             236 
_refine_hist.number_atoms_total               748 
_refine_hist.d_res_high                       1.55 
_refine_hist.d_res_low                        10 
# 
_struct.entry_id                  2DPC 
_struct.title                     
;Crystal Structure of d(CGCGAATXCGCG) Where X is 5-(N-aminohexyl)carbamoyl-2'-O-methyluridine
;
_struct.pdbx_model_details        ? 
_struct.pdbx_CASP_flag            ? 
_struct.pdbx_model_type_details   ? 
# 
_struct_keywords.entry_id        2DPC 
_struct_keywords.pdbx_keywords   DNA 
_struct_keywords.text            
;modified nucleotide, 5-(N-aminohexyl)carbamoyl-2'-O-methyluridine, B-DNA, DNA
;
# 
loop_
_struct_asym.id 
_struct_asym.pdbx_blank_PDB_chainid_flag 
_struct_asym.pdbx_modified 
_struct_asym.entity_id 
_struct_asym.details 
A N N 1 ? 
B N N 1 ? 
C N N 2 ? 
D N N 2 ? 
E N N 3 ? 
F N N 4 ? 
G N N 2 ? 
H N N 4 ? 
I N N 5 ? 
J N N 5 ? 
# 
_struct_biol.id        1 
_struct_biol.details   ? 
# 
loop_
_struct_conn.id 
_struct_conn.conn_type_id 
_struct_conn.pdbx_leaving_atom_flag 
_struct_conn.pdbx_PDB_id 
_struct_conn.ptnr1_label_asym_id 
_struct_conn.ptnr1_label_comp_id 
_struct_conn.ptnr1_label_seq_id 
_struct_conn.ptnr1_label_atom_id 
_struct_conn.pdbx_ptnr1_label_alt_id 
_struct_conn.pdbx_ptnr1_PDB_ins_code 
_struct_conn.pdbx_ptnr1_standard_comp_id 
_struct_conn.ptnr1_symmetry 
_struct_conn.ptnr2_label_asym_id 
_struct_conn.ptnr2_label_comp_id 
_struct_conn.ptnr2_label_seq_id 
_struct_conn.ptnr2_label_atom_id 
_struct_conn.pdbx_ptnr2_label_alt_id 
_struct_conn.pdbx_ptnr2_PDB_ins_code 
_struct_conn.ptnr1_auth_asym_id 
_struct_conn.ptnr1_auth_comp_id 
_struct_conn.ptnr1_auth_seq_id 
_struct_conn.ptnr2_auth_asym_id 
_struct_conn.ptnr2_auth_comp_id 
_struct_conn.ptnr2_auth_seq_id 
_struct_conn.ptnr2_symmetry 
_struct_conn.pdbx_ptnr3_label_atom_id 
_struct_conn.pdbx_ptnr3_label_seq_id 
_struct_conn.pdbx_ptnr3_label_comp_id 
_struct_conn.pdbx_ptnr3_label_asym_id 
_struct_conn.pdbx_ptnr3_label_alt_id 
_struct_conn.pdbx_ptnr3_PDB_ins_code 
_struct_conn.details 
_struct_conn.pdbx_dist_value 
_struct_conn.pdbx_value_order 
_struct_conn.pdbx_role 
covale1  covale none ? A OMU 8  C5 ? ? ? 1_555 F CMY .  C1Y ? ? A OMU 8  A CMY 108 1_555 ? ? ? ? ? ? ?            1.537 ? ? 
covale2  covale none ? B OMU 8  C5 ? ? ? 1_555 H CMY .  C1Y ? ? B OMU 20 B CMY 120 1_555 ? ? ? ? ? ? ?            1.534 ? ? 
hydrog1  hydrog ?    ? A DC  1  N3 ? ? ? 1_555 B DG  12 N1  ? ? A DC  1  B DG  24  1_555 ? ? ? ? ? ? WATSON-CRICK ?     ? ? 
hydrog2  hydrog ?    ? A DC  1  N4 ? ? ? 1_555 B DG  12 O6  ? ? A DC  1  B DG  24  1_555 ? ? ? ? ? ? WATSON-CRICK ?     ? ? 
hydrog3  hydrog ?    ? A DC  1  O2 ? ? ? 1_555 B DG  12 N2  ? ? A DC  1  B DG  24  1_555 ? ? ? ? ? ? WATSON-CRICK ?     ? ? 
hydrog4  hydrog ?    ? A DG  2  N1 ? ? ? 1_555 B DC  11 N3  ? ? A DG  2  B DC  23  1_555 ? ? ? ? ? ? WATSON-CRICK ?     ? ? 
hydrog5  hydrog ?    ? A DG  2  N2 ? ? ? 1_555 B DC  11 O2  ? ? A DG  2  B DC  23  1_555 ? ? ? ? ? ? WATSON-CRICK ?     ? ? 
hydrog6  hydrog ?    ? A DG  2  O6 ? ? ? 1_555 B DC  11 N4  ? ? A DG  2  B DC  23  1_555 ? ? ? ? ? ? WATSON-CRICK ?     ? ? 
hydrog7  hydrog ?    ? A DC  3  N3 ? ? ? 1_555 B DG  10 N1  ? ? A DC  3  B DG  22  1_555 ? ? ? ? ? ? WATSON-CRICK ?     ? ? 
hydrog8  hydrog ?    ? A DC  3  N4 ? ? ? 1_555 B DG  10 O6  ? ? A DC  3  B DG  22  1_555 ? ? ? ? ? ? WATSON-CRICK ?     ? ? 
hydrog9  hydrog ?    ? A DC  3  O2 ? ? ? 1_555 B DG  10 N2  ? ? A DC  3  B DG  22  1_555 ? ? ? ? ? ? WATSON-CRICK ?     ? ? 
hydrog10 hydrog ?    ? A DG  4  N1 ? ? ? 1_555 B DC  9  N3  ? ? A DG  4  B DC  21  1_555 ? ? ? ? ? ? WATSON-CRICK ?     ? ? 
hydrog11 hydrog ?    ? A DG  4  N2 ? ? ? 1_555 B DC  9  O2  ? ? A DG  4  B DC  21  1_555 ? ? ? ? ? ? WATSON-CRICK ?     ? ? 
hydrog12 hydrog ?    ? A DG  4  O6 ? ? ? 1_555 B DC  9  N4  ? ? A DG  4  B DC  21  1_555 ? ? ? ? ? ? WATSON-CRICK ?     ? ? 
hydrog13 hydrog ?    ? A DA  5  N1 ? ? ? 1_555 B OMU 8  N3  ? ? A DA  5  B OMU 20  1_555 ? ? ? ? ? ? WATSON-CRICK ?     ? ? 
hydrog14 hydrog ?    ? A DA  5  N6 ? ? ? 1_555 B OMU 8  O4  ? ? A DA  5  B OMU 20  1_555 ? ? ? ? ? ? WATSON-CRICK ?     ? ? 
hydrog15 hydrog ?    ? A DA  6  N1 ? ? ? 1_555 B DT  7  N3  ? ? A DA  6  B DT  19  1_555 ? ? ? ? ? ? WATSON-CRICK ?     ? ? 
hydrog16 hydrog ?    ? A DA  6  N6 ? ? ? 1_555 B DT  7  O4  ? ? A DA  6  B DT  19  1_555 ? ? ? ? ? ? WATSON-CRICK ?     ? ? 
hydrog17 hydrog ?    ? A DT  7  N3 ? ? ? 1_555 B DA  6  N1  ? ? A DT  7  B DA  18  1_555 ? ? ? ? ? ? WATSON-CRICK ?     ? ? 
hydrog18 hydrog ?    ? A DT  7  O4 ? ? ? 1_555 B DA  6  N6  ? ? A DT  7  B DA  18  1_555 ? ? ? ? ? ? WATSON-CRICK ?     ? ? 
hydrog19 hydrog ?    ? A OMU 8  N3 ? ? ? 1_555 B DA  5  N1  ? ? A OMU 8  B DA  17  1_555 ? ? ? ? ? ? WATSON-CRICK ?     ? ? 
hydrog20 hydrog ?    ? A OMU 8  O4 ? ? ? 1_555 B DA  5  N6  ? ? A OMU 8  B DA  17  1_555 ? ? ? ? ? ? WATSON-CRICK ?     ? ? 
hydrog21 hydrog ?    ? A DC  9  N3 ? ? ? 1_555 B DG  4  N1  ? ? A DC  9  B DG  16  1_555 ? ? ? ? ? ? WATSON-CRICK ?     ? ? 
hydrog22 hydrog ?    ? A DC  9  N4 ? ? ? 1_555 B DG  4  O6  ? ? A DC  9  B DG  16  1_555 ? ? ? ? ? ? WATSON-CRICK ?     ? ? 
hydrog23 hydrog ?    ? A DC  9  O2 ? ? ? 1_555 B DG  4  N2  ? ? A DC  9  B DG  16  1_555 ? ? ? ? ? ? WATSON-CRICK ?     ? ? 
hydrog24 hydrog ?    ? A DG  10 N1 ? ? ? 1_555 B DC  3  N3  ? ? A DG  10 B DC  15  1_555 ? ? ? ? ? ? WATSON-CRICK ?     ? ? 
hydrog25 hydrog ?    ? A DG  10 N2 ? ? ? 1_555 B DC  3  O2  ? ? A DG  10 B DC  15  1_555 ? ? ? ? ? ? WATSON-CRICK ?     ? ? 
hydrog26 hydrog ?    ? A DG  10 O6 ? ? ? 1_555 B DC  3  N4  ? ? A DG  10 B DC  15  1_555 ? ? ? ? ? ? WATSON-CRICK ?     ? ? 
hydrog27 hydrog ?    ? A DC  11 N3 ? ? ? 1_555 B DG  2  N1  ? ? A DC  11 B DG  14  1_555 ? ? ? ? ? ? WATSON-CRICK ?     ? ? 
hydrog28 hydrog ?    ? A DC  11 N4 ? ? ? 1_555 B DG  2  O6  ? ? A DC  11 B DG  14  1_555 ? ? ? ? ? ? WATSON-CRICK ?     ? ? 
hydrog29 hydrog ?    ? A DC  11 O2 ? ? ? 1_555 B DG  2  N2  ? ? A DC  11 B DG  14  1_555 ? ? ? ? ? ? WATSON-CRICK ?     ? ? 
hydrog30 hydrog ?    ? A DG  12 N1 ? ? ? 1_555 B DC  1  N3  ? ? A DG  12 B DC  13  1_555 ? ? ? ? ? ? WATSON-CRICK ?     ? ? 
hydrog31 hydrog ?    ? A DG  12 N2 ? ? ? 1_555 B DC  1  O2  ? ? A DG  12 B DC  13  1_555 ? ? ? ? ? ? WATSON-CRICK ?     ? ? 
hydrog32 hydrog ?    ? A DG  12 O6 ? ? ? 1_555 B DC  1  N4  ? ? A DG  12 B DC  13  1_555 ? ? ? ? ? ? WATSON-CRICK ?     ? ? 
# 
loop_
_struct_conn_type.id 
_struct_conn_type.criteria 
_struct_conn_type.reference 
covale ? ? 
hydrog ? ? 
# 
loop_
_struct_site.id 
_struct_site.pdbx_evidence_code 
_struct_site.pdbx_auth_asym_id 
_struct_site.pdbx_auth_comp_id 
_struct_site.pdbx_auth_seq_id 
_struct_site.pdbx_auth_ins_code 
_struct_site.pdbx_num_residues 
_struct_site.details 
AC1 Software A CO  13  ? 4 'BINDING SITE FOR RESIDUE CO A 13'   
AC2 Software A CO  14  ? 6 'BINDING SITE FOR RESIDUE CO A 14'   
AC3 Software B CO  3   ? 6 'BINDING SITE FOR RESIDUE CO B 3'    
AC4 Software A MG  15  ? 6 'BINDING SITE FOR RESIDUE MG A 15'   
AC5 Software A CMY 108 ? 9 'BINDING SITE FOR RESIDUE CMY A 108' 
AC6 Software B CMY 120 ? 3 'BINDING SITE FOR RESIDUE CMY B 120' 
# 
loop_
_struct_site_gen.id 
_struct_site_gen.site_id 
_struct_site_gen.pdbx_num_res 
_struct_site_gen.label_comp_id 
_struct_site_gen.label_asym_id 
_struct_site_gen.label_seq_id 
_struct_site_gen.pdbx_auth_ins_code 
_struct_site_gen.auth_comp_id 
_struct_site_gen.auth_asym_id 
_struct_site_gen.auth_seq_id 
_struct_site_gen.label_atom_id 
_struct_site_gen.label_alt_id 
_struct_site_gen.symmetry 
_struct_site_gen.details 
1  AC1 4 HOH I .  ? HOH A 138 . ? 1_555 ? 
2  AC1 4 HOH I .  ? HOH A 150 . ? 1_555 ? 
3  AC1 4 HOH I .  ? HOH A 157 . ? 1_555 ? 
4  AC1 4 HOH I .  ? HOH A 241 . ? 1_555 ? 
5  AC2 6 HOH I .  ? HOH A 142 . ? 1_555 ? 
6  AC2 6 HOH I .  ? HOH A 146 . ? 1_555 ? 
7  AC2 6 HOH I .  ? HOH A 192 . ? 1_555 ? 
8  AC2 6 HOH I .  ? HOH A 202 . ? 1_555 ? 
9  AC2 6 HOH I .  ? HOH A 215 . ? 1_555 ? 
10 AC2 6 HOH I .  ? HOH A 227 . ? 1_555 ? 
11 AC3 6 HOH I .  ? HOH A 109 . ? 1_555 ? 
12 AC3 6 HOH I .  ? HOH A 187 . ? 1_555 ? 
13 AC3 6 HOH I .  ? HOH A 189 . ? 1_555 ? 
14 AC3 6 HOH J .  ? HOH B 173 . ? 1_555 ? 
15 AC3 6 HOH J .  ? HOH B 181 . ? 1_555 ? 
16 AC3 6 HOH J .  ? HOH B 182 . ? 1_555 ? 
17 AC4 6 HOH I .  ? HOH A 110 . ? 1_555 ? 
18 AC4 6 HOH I .  ? HOH A 127 . ? 1_555 ? 
19 AC4 6 HOH I .  ? HOH A 137 . ? 1_555 ? 
20 AC4 6 HOH I .  ? HOH A 139 . ? 1_555 ? 
21 AC4 6 HOH I .  ? HOH A 140 . ? 1_555 ? 
22 AC4 6 HOH I .  ? HOH A 179 . ? 1_555 ? 
23 AC5 9 DT  A 7  ? DT  A 7   . ? 1_555 ? 
24 AC5 9 OMU A 8  ? OMU A 8   . ? 1_555 ? 
25 AC5 9 HOH I .  ? HOH A 191 . ? 1_555 ? 
26 AC5 9 HOH I .  ? HOH A 201 . ? 4_446 ? 
27 AC5 9 HOH I .  ? HOH A 233 . ? 1_555 ? 
28 AC5 9 DC  B 3  ? DC  B 15  . ? 4_546 ? 
29 AC5 9 DG  B 4  ? DG  B 16  . ? 4_546 ? 
30 AC5 9 DG  B 12 ? DG  B 24  . ? 3_645 ? 
31 AC5 9 HOH J .  ? HOH B 125 . ? 4_546 ? 
32 AC6 3 DT  B 7  ? DT  B 19  . ? 1_555 ? 
33 AC6 3 OMU B 8  ? OMU B 20  . ? 1_555 ? 
34 AC6 3 HOH J .  ? HOH B 158 . ? 1_555 ? 
# 
_atom_sites.entry_id                    2DPC 
_atom_sites.fract_transf_matrix[1][1]   0.00515724 
_atom_sites.fract_transf_matrix[1][2]   0.03573698 
_atom_sites.fract_transf_matrix[1][3]   0.01640932 
_atom_sites.fract_transf_matrix[2][1]   0.00771115 
_atom_sites.fract_transf_matrix[2][2]   0.00885084 
_atom_sites.fract_transf_matrix[2][3]   -0.02169929 
_atom_sites.fract_transf_matrix[3][1]   -0.01472878 
_atom_sites.fract_transf_matrix[3][2]   0.00381445 
_atom_sites.fract_transf_matrix[3][3]   -0.00367822 
_atom_sites.fract_transf_vector[1]      0.494570 
_atom_sites.fract_transf_vector[2]      0.007919 
_atom_sites.fract_transf_vector[3]      0.424984 
# 
loop_
_atom_type.symbol 
C  
CO 
MG 
N  
O  
P  
# 
loop_
_atom_site.group_PDB 
_atom_site.id 
_atom_site.type_symbol 
_atom_site.label_atom_id 
_atom_site.label_alt_id 
_atom_site.label_comp_id 
_atom_site.label_asym_id 
_atom_site.label_entity_id 
_atom_site.label_seq_id 
_atom_site.pdbx_PDB_ins_code 
_atom_site.Cartn_x 
_atom_site.Cartn_y 
_atom_site.Cartn_z 
_atom_site.occupancy 
_atom_site.B_iso_or_equiv 
_atom_site.pdbx_formal_charge 
_atom_site.auth_seq_id 
_atom_site.auth_comp_id 
_atom_site.auth_asym_id 
_atom_site.auth_atom_id 
_atom_site.pdbx_PDB_model_num 
ATOM   1   O  "O5'" . DC  A 1 1  ? 21.531  -6.699  -10.663 1.00 24.64  ? 1   DC  A "O5'" 1 
ATOM   2   C  "C5'" . DC  A 1 1  ? 20.105  -6.619  -10.725 1.00 22.85  ? 1   DC  A "C5'" 1 
ATOM   3   C  "C4'" . DC  A 1 1  ? 19.474  -7.828  -10.074 1.00 22.07  ? 1   DC  A "C4'" 1 
ATOM   4   O  "O4'" . DC  A 1 1  ? 19.880  -7.893  -8.687  1.00 21.56  ? 1   DC  A "O4'" 1 
ATOM   5   C  "C3'" . DC  A 1 1  ? 17.945  -7.845  -10.069 1.00 22.64  ? 1   DC  A "C3'" 1 
ATOM   6   O  "O3'" . DC  A 1 1  ? 17.481  -9.171  -10.350 1.00 23.70  ? 1   DC  A "O3'" 1 
ATOM   7   C  "C2'" . DC  A 1 1  ? 17.588  -7.399  -8.662  1.00 21.52  ? 1   DC  A "C2'" 1 
ATOM   8   C  "C1'" . DC  A 1 1  ? 18.741  -7.952  -7.842  1.00 18.67  ? 1   DC  A "C1'" 1 
ATOM   9   N  N1    . DC  A 1 1  ? 19.065  -7.205  -6.617  1.00 19.01  ? 1   DC  A N1    1 
ATOM   10  C  C2    . DC  A 1 1  ? 19.211  -7.910  -5.416  1.00 16.80  ? 1   DC  A C2    1 
ATOM   11  O  O2    . DC  A 1 1  ? 19.025  -9.138  -5.415  1.00 18.56  ? 1   DC  A O2    1 
ATOM   12  N  N3    . DC  A 1 1  ? 19.548  -7.239  -4.293  1.00 14.58  ? 1   DC  A N3    1 
ATOM   13  C  C4    . DC  A 1 1  ? 19.733  -5.917  -4.337  1.00 18.00  ? 1   DC  A C4    1 
ATOM   14  N  N4    . DC  A 1 1  ? 20.073  -5.298  -3.206  1.00 17.28  ? 1   DC  A N4    1 
ATOM   15  C  C5    . DC  A 1 1  ? 19.576  -5.173  -5.542  1.00 17.81  ? 1   DC  A C5    1 
ATOM   16  C  C6    . DC  A 1 1  ? 19.242  -5.850  -6.648  1.00 18.33  ? 1   DC  A C6    1 
ATOM   17  P  P     . DG  A 1 2  ? 15.945  -9.412  -10.762 1.00 25.32  ? 2   DG  A P     1 
ATOM   18  O  OP1   . DG  A 1 2  ? 15.914  -10.510 -11.759 1.00 27.27  ? 2   DG  A OP1   1 
ATOM   19  O  OP2   . DG  A 1 2  ? 15.311  -8.110  -11.086 1.00 24.55  ? 2   DG  A OP2   1 
ATOM   20  O  "O5'" . DG  A 1 2  ? 15.290  -9.963  -9.423  1.00 25.67  ? 2   DG  A "O5'" 1 
ATOM   21  C  "C5'" . DG  A 1 2  ? 15.753  -11.176 -8.840  1.00 26.85  ? 2   DG  A "C5'" 1 
ATOM   22  C  "C4'" . DG  A 1 2  ? 15.161  -11.347 -7.464  1.00 25.24  ? 2   DG  A "C4'" 1 
ATOM   23  O  "O4'" . DG  A 1 2  ? 15.764  -10.418 -6.537  1.00 25.79  ? 2   DG  A "O4'" 1 
ATOM   24  C  "C3'" . DG  A 1 2  ? 13.650  -11.115 -7.387  1.00 26.43  ? 2   DG  A "C3'" 1 
ATOM   25  O  "O3'" . DG  A 1 2  ? 13.029  -12.280 -6.849  1.00 27.49  ? 2   DG  A "O3'" 1 
ATOM   26  C  "C2'" . DG  A 1 2  ? 13.499  -9.925  -6.452  1.00 24.43  ? 2   DG  A "C2'" 1 
ATOM   27  C  "C1'" . DG  A 1 2  ? 14.774  -9.978  -5.635  1.00 22.13  ? 2   DG  A "C1'" 1 
ATOM   28  N  N9    . DG  A 1 2  ? 15.217  -8.700  -5.094  1.00 20.21  ? 2   DG  A N9    1 
ATOM   29  C  C8    . DG  A 1 2  ? 15.355  -7.510  -5.768  1.00 17.26  ? 2   DG  A C8    1 
ATOM   30  N  N7    . DG  A 1 2  ? 15.811  -6.546  -5.016  1.00 16.45  ? 2   DG  A N7    1 
ATOM   31  C  C5    . DG  A 1 2  ? 15.975  -7.135  -3.768  1.00 15.76  ? 2   DG  A C5    1 
ATOM   32  C  C6    . DG  A 1 2  ? 16.446  -6.588  -2.549  1.00 14.46  ? 2   DG  A C6    1 
ATOM   33  O  O6    . DG  A 1 2  ? 16.838  -5.435  -2.320  1.00 15.76  ? 2   DG  A O6    1 
ATOM   34  N  N1    . DG  A 1 2  ? 16.447  -7.536  -1.530  1.00 13.63  ? 2   DG  A N1    1 
ATOM   35  C  C2    . DG  A 1 2  ? 16.050  -8.843  -1.667  1.00 13.07  ? 2   DG  A C2    1 
ATOM   36  N  N2    . DG  A 1 2  ? 16.122  -9.601  -0.565  1.00 13.47  ? 2   DG  A N2    1 
ATOM   37  N  N3    . DG  A 1 2  ? 15.614  -9.367  -2.798  1.00 14.50  ? 2   DG  A N3    1 
ATOM   38  C  C4    . DG  A 1 2  ? 15.605  -8.461  -3.801  1.00 15.91  ? 2   DG  A C4    1 
ATOM   39  P  P     . DC  A 1 3  ? 11.429  -12.385 -6.807  1.00 26.05  ? 3   DC  A P     1 
ATOM   40  O  OP1   . DC  A 1 3  ? 11.070  -13.701 -7.391  1.00 28.42  ? 3   DC  A OP1   1 
ATOM   41  O  OP2   . DC  A 1 3  ? 10.829  -11.146 -7.365  1.00 28.84  ? 3   DC  A OP2   1 
ATOM   42  O  "O5'" . DC  A 1 3  ? 11.111  -12.432 -5.248  1.00 23.40  ? 3   DC  A "O5'" 1 
ATOM   43  C  "C5'" . DC  A 1 3  ? 11.817  -13.328 -4.392  1.00 21.15  ? 3   DC  A "C5'" 1 
ATOM   44  C  "C4'" . DC  A 1 3  ? 11.865  -12.769 -2.990  1.00 17.32  ? 3   DC  A "C4'" 1 
ATOM   45  O  "O4'" . DC  A 1 3  ? 12.556  -11.511 -3.021  1.00 18.49  ? 3   DC  A "O4'" 1 
ATOM   46  C  "C3'" . DC  A 1 3  ? 10.493  -12.444 -2.409  1.00 19.05  ? 3   DC  A "C3'" 1 
ATOM   47  O  "O3'" . DC  A 1 3  ? 10.040  -13.535 -1.615  1.00 20.35  ? 3   DC  A "O3'" 1 
ATOM   48  C  "C2'" . DC  A 1 3  ? 10.731  -11.207 -1.551  1.00 19.44  ? 3   DC  A "C2'" 1 
ATOM   49  C  "C1'" . DC  A 1 3  ? 12.139  -10.738 -1.909  1.00 17.80  ? 3   DC  A "C1'" 1 
ATOM   50  N  N1    . DC  A 1 3  ? 12.242  -9.326  -2.299  1.00 15.98  ? 3   DC  A N1    1 
ATOM   51  C  C2    . DC  A 1 3  ? 12.671  -8.392  -1.356  1.00 11.84  ? 3   DC  A C2    1 
ATOM   52  O  O2    . DC  A 1 3  ? 12.882  -8.767  -0.193  1.00 13.98  ? 3   DC  A O2    1 
ATOM   53  N  N3    . DC  A 1 3  ? 12.841  -7.101  -1.736  1.00 15.28  ? 3   DC  A N3    1 
ATOM   54  C  C4    . DC  A 1 3  ? 12.581  -6.738  -2.994  1.00 14.57  ? 3   DC  A C4    1 
ATOM   55  N  N4    . DC  A 1 3  ? 12.793  -5.467  -3.336  1.00 17.81  ? 3   DC  A N4    1 
ATOM   56  C  C5    . DC  A 1 3  ? 12.099  -7.666  -3.962  1.00 17.72  ? 3   DC  A C5    1 
ATOM   57  C  C6    . DC  A 1 3  ? 11.945  -8.936  -3.576  1.00 15.98  ? 3   DC  A C6    1 
ATOM   58  P  P     . DG  A 1 4  ? 8.514   -13.577 -1.124  1.00 20.16  ? 4   DG  A P     1 
ATOM   59  O  OP1   . DG  A 1 4  ? 8.264   -14.967 -0.678  1.00 22.07  ? 4   DG  A OP1   1 
ATOM   60  O  OP2   . DG  A 1 4  ? 7.657   -12.972 -2.171  1.00 22.16  ? 4   DG  A OP2   1 
ATOM   61  O  "O5'" . DG  A 1 4  ? 8.512   -12.637 0.155   1.00 20.95  ? 4   DG  A "O5'" 1 
ATOM   62  C  "C5'" . DG  A 1 4  ? 9.303   -12.963 1.288   1.00 19.37  ? 4   DG  A "C5'" 1 
ATOM   63  C  "C4'" . DG  A 1 4  ? 9.113   -11.915 2.354   1.00 21.34  ? 4   DG  A "C4'" 1 
ATOM   64  O  "O4'" . DG  A 1 4  ? 9.669   -10.662 1.888   1.00 21.67  ? 4   DG  A "O4'" 1 
ATOM   65  C  "C3'" . DG  A 1 4  ? 7.644   -11.635 2.670   1.00 22.65  ? 4   DG  A "C3'" 1 
ATOM   66  O  "O3'" . DG  A 1 4  ? 7.518   -11.431 4.072   1.00 25.67  ? 4   DG  A "O3'" 1 
ATOM   67  C  "C2'" . DG  A 1 4  ? 7.355   -10.360 1.895   1.00 21.11  ? 4   DG  A "C2'" 1 
ATOM   68  C  "C1'" . DG  A 1 4  ? 8.691   -9.642  1.966   1.00 20.37  ? 4   DG  A "C1'" 1 
ATOM   69  N  N9    . DG  A 1 4  ? 8.944   -8.696  0.884   1.00 16.38  ? 4   DG  A N9    1 
ATOM   70  C  C8    . DG  A 1 4  ? 8.614   -8.836  -0.442  1.00 18.80  ? 4   DG  A C8    1 
ATOM   71  N  N7    . DG  A 1 4  ? 8.974   -7.816  -1.170  1.00 16.53  ? 4   DG  A N7    1 
ATOM   72  C  C5    . DG  A 1 4  ? 9.577   -6.947  -0.270  1.00 14.45  ? 4   DG  A C5    1 
ATOM   73  C  C6    . DG  A 1 4  ? 10.162  -5.666  -0.474  1.00 16.19  ? 4   DG  A C6    1 
ATOM   74  O  O6    . DG  A 1 4  ? 10.278  -5.029  -1.523  1.00 16.28  ? 4   DG  A O6    1 
ATOM   75  N  N1    . DG  A 1 4  ? 10.645  -5.131  0.717   1.00 14.83  ? 4   DG  A N1    1 
ATOM   76  C  C2    . DG  A 1 4  ? 10.581  -5.745  1.940   1.00 14.72  ? 4   DG  A C2    1 
ATOM   77  N  N2    . DG  A 1 4  ? 11.091  -5.058  2.974   1.00 18.17  ? 4   DG  A N2    1 
ATOM   78  N  N3    . DG  A 1 4  ? 10.052  -6.940  2.141   1.00 16.76  ? 4   DG  A N3    1 
ATOM   79  C  C4    . DG  A 1 4  ? 9.569   -7.477  1.001   1.00 16.92  ? 4   DG  A C4    1 
ATOM   80  P  P     . DA  A 1 5  ? 6.075   -11.159 4.717   1.00 25.63  ? 5   DA  A P     1 
ATOM   81  O  OP1   . DA  A 1 5  ? 5.810   -12.272 5.660   1.00 25.76  ? 5   DA  A OP1   1 
ATOM   82  O  OP2   . DA  A 1 5  ? 5.084   -10.846 3.654   1.00 26.73  ? 5   DA  A OP2   1 
ATOM   83  O  "O5'" . DA  A 1 5  ? 6.339   -9.846  5.568   1.00 23.63  ? 5   DA  A "O5'" 1 
ATOM   84  C  "C5'" . DA  A 1 5  ? 7.525   -9.726  6.345   1.00 21.44  ? 5   DA  A "C5'" 1 
ATOM   85  C  "C4'" . DA  A 1 5  ? 7.767   -8.282  6.707   1.00 20.64  ? 5   DA  A "C4'" 1 
ATOM   86  O  "O4'" . DA  A 1 5  ? 8.123   -7.511  5.536   1.00 20.62  ? 5   DA  A "O4'" 1 
ATOM   87  C  "C3'" . DA  A 1 5  ? 6.572   -7.579  7.342   1.00 19.93  ? 5   DA  A "C3'" 1 
ATOM   88  O  "O3'" . DA  A 1 5  ? 7.017   -6.864  8.492   1.00 20.00  ? 5   DA  A "O3'" 1 
ATOM   89  C  "C2'" . DA  A 1 5  ? 6.058   -6.662  6.245   1.00 20.47  ? 5   DA  A "C2'" 1 
ATOM   90  C  "C1'" . DA  A 1 5  ? 7.302   -6.362  5.426   1.00 19.26  ? 5   DA  A "C1'" 1 
ATOM   91  N  N9    . DA  A 1 5  ? 7.051   -6.154  4.000   1.00 16.67  ? 5   DA  A N9    1 
ATOM   92  C  C8    . DA  A 1 5  ? 6.468   -7.040  3.130   1.00 15.17  ? 5   DA  A C8    1 
ATOM   93  N  N7    . DA  A 1 5  ? 6.422   -6.614  1.892   1.00 16.55  ? 5   DA  A N7    1 
ATOM   94  C  C5    . DA  A 1 5  ? 7.004   -5.357  1.950   1.00 14.56  ? 5   DA  A C5    1 
ATOM   95  C  C6    . DA  A 1 5  ? 7.265   -4.390  0.962   1.00 15.06  ? 5   DA  A C6    1 
ATOM   96  N  N6    . DA  A 1 5  ? 6.975   -4.558  -0.333  1.00 17.90  ? 5   DA  A N6    1 
ATOM   97  N  N1    . DA  A 1 5  ? 7.845   -3.233  1.351   1.00 15.50  ? 5   DA  A N1    1 
ATOM   98  C  C2    . DA  A 1 5  ? 8.145   -3.072  2.648   1.00 14.26  ? 5   DA  A C2    1 
ATOM   99  N  N3    . DA  A 1 5  ? 7.959   -3.913  3.670   1.00 16.89  ? 5   DA  A N3    1 
ATOM   100 C  C4    . DA  A 1 5  ? 7.379   -5.050  3.247   1.00 14.90  ? 5   DA  A C4    1 
ATOM   101 P  P     . DA  A 1 6  ? 5.973   -6.005  9.352   1.00 20.55  ? 6   DA  A P     1 
ATOM   102 O  OP1   . DA  A 1 6  ? 6.541   -5.896  10.719  1.00 20.54  ? 6   DA  A OP1   1 
ATOM   103 O  OP2   . DA  A 1 6  ? 4.603   -6.530  9.169   1.00 21.30  ? 6   DA  A OP2   1 
ATOM   104 O  "O5'" . DA  A 1 6  ? 6.049   -4.566  8.680   1.00 18.91  ? 6   DA  A "O5'" 1 
ATOM   105 C  "C5'" . DA  A 1 6  ? 7.262   -3.820  8.707   1.00 18.92  ? 6   DA  A "C5'" 1 
ATOM   106 C  "C4'" . DA  A 1 6  ? 7.041   -2.447  8.122   1.00 19.03  ? 6   DA  A "C4'" 1 
ATOM   107 O  "O4'" . DA  A 1 6  ? 6.835   -2.543  6.697   1.00 18.28  ? 6   DA  A "O4'" 1 
ATOM   108 C  "C3'" . DA  A 1 6  ? 5.842   -1.684  8.685   1.00 19.28  ? 6   DA  A "C3'" 1 
ATOM   109 O  "O3'" . DA  A 1 6  ? 6.264   -0.365  9.030   1.00 20.74  ? 6   DA  A "O3'" 1 
ATOM   110 C  "C2'" . DA  A 1 6  ? 4.833   -1.695  7.544   1.00 16.31  ? 6   DA  A "C2'" 1 
ATOM   111 C  "C1'" . DA  A 1 6  ? 5.714   -1.770  6.310   1.00 18.09  ? 6   DA  A "C1'" 1 
ATOM   112 N  N9    . DA  A 1 6  ? 5.119   -2.436  5.152   1.00 15.34  ? 6   DA  A N9    1 
ATOM   113 C  C8    . DA  A 1 6  ? 4.527   -3.673  5.111   1.00 16.47  ? 6   DA  A C8    1 
ATOM   114 N  N7    . DA  A 1 6  ? 4.159   -4.043  3.908   1.00 14.29  ? 6   DA  A N7    1 
ATOM   115 C  C5    . DA  A 1 6  ? 4.519   -2.971  3.104   1.00 14.13  ? 6   DA  A C5    1 
ATOM   116 C  C6    . DA  A 1 6  ? 4.411   -2.752  1.719   1.00 12.07  ? 6   DA  A C6    1 
ATOM   117 N  N6    . DA  A 1 6  ? 3.912   -3.645  0.864   1.00 13.35  ? 6   DA  A N6    1 
ATOM   118 N  N1    . DA  A 1 6  ? 4.851   -1.570  1.235   1.00 13.27  ? 6   DA  A N1    1 
ATOM   119 C  C2    . DA  A 1 6  ? 5.371   -0.678  2.095   1.00 14.99  ? 6   DA  A C2    1 
ATOM   120 N  N3    . DA  A 1 6  ? 5.541   -0.777  3.414   1.00 14.31  ? 6   DA  A N3    1 
ATOM   121 C  C4    . DA  A 1 6  ? 5.088   -1.962  3.861   1.00 15.05  ? 6   DA  A C4    1 
ATOM   122 P  P     . DT  A 1 7  ? 5.255   0.639   9.775   1.00 20.30  ? 7   DT  A P     1 
ATOM   123 O  OP1   . DT  A 1 7  ? 6.078   1.516   10.646  1.00 23.01  ? 7   DT  A OP1   1 
ATOM   124 O  OP2   . DT  A 1 7  ? 4.125   -0.127  10.359  1.00 20.87  ? 7   DT  A OP2   1 
ATOM   125 O  "O5'" . DT  A 1 7  ? 4.698   1.524   8.576   1.00 19.84  ? 7   DT  A "O5'" 1 
ATOM   126 C  "C5'" . DT  A 1 7  ? 5.601   2.214   7.715   1.00 19.60  ? 7   DT  A "C5'" 1 
ATOM   127 C  "C4'" . DT  A 1 7  ? 4.879   2.723   6.490   1.00 20.10  ? 7   DT  A "C4'" 1 
ATOM   128 O  "O4'" . DT  A 1 7  ? 4.451   1.633   5.646   1.00 18.67  ? 7   DT  A "O4'" 1 
ATOM   129 C  "C3'" . DT  A 1 7  ? 3.633   3.569   6.758   1.00 20.96  ? 7   DT  A "C3'" 1 
ATOM   130 O  "O3'" . DT  A 1 7  ? 3.852   4.889   6.253   1.00 24.89  ? 7   DT  A "O3'" 1 
ATOM   131 C  "C2'" . DT  A 1 7  ? 2.518   2.848   6.010   1.00 20.68  ? 7   DT  A "C2'" 1 
ATOM   132 C  "C1'" . DT  A 1 7  ? 3.284   2.052   4.975   1.00 16.90  ? 7   DT  A "C1'" 1 
ATOM   133 N  N1    . DT  A 1 7  ? 2.626   0.849   4.427   1.00 14.91  ? 7   DT  A N1    1 
ATOM   134 C  C2    . DT  A 1 7  ? 2.437   0.796   3.069   1.00 14.35  ? 7   DT  A C2    1 
ATOM   135 O  O2    . DT  A 1 7  ? 2.727   1.712   2.321   1.00 15.81  ? 7   DT  A O2    1 
ATOM   136 N  N3    . DT  A 1 7  ? 1.896   -0.375  2.616   1.00 11.65  ? 7   DT  A N3    1 
ATOM   137 C  C4    . DT  A 1 7  ? 1.521   -1.469  3.370   1.00 13.43  ? 7   DT  A C4    1 
ATOM   138 O  O4    . DT  A 1 7  ? 1.075   -2.467  2.812   1.00 14.56  ? 7   DT  A O4    1 
ATOM   139 C  C5    . DT  A 1 7  ? 1.706   -1.347  4.804   1.00 13.40  ? 7   DT  A C5    1 
ATOM   140 C  C7    . DT  A 1 7  ? 1.298   -2.471  5.701   1.00 16.10  ? 7   DT  A C7    1 
ATOM   141 C  C6    . DT  A 1 7  ? 2.246   -0.195  5.243   1.00 15.07  ? 7   DT  A C6    1 
HETATM 142 N  N1    . OMU A 1 8  ? 0.150   3.414   2.494   1.00 24.96  ? 8   OMU A N1    1 
HETATM 143 C  C2    . OMU A 1 8  ? -0.361  2.720   1.431   1.00 21.88  ? 8   OMU A C2    1 
HETATM 144 N  N3    . OMU A 1 8  ? -1.030  1.580   1.776   1.00 22.14  ? 8   OMU A N3    1 
HETATM 145 C  C4    . OMU A 1 8  ? -1.243  1.079   3.047   1.00 21.49  ? 8   OMU A C4    1 
HETATM 146 C  C5    . OMU A 1 8  ? -0.759  1.898   4.149   1.00 23.01  ? 8   OMU A C5    1 
HETATM 147 C  C6    . OMU A 1 8  ? -0.108  3.021   3.791   1.00 23.34  ? 8   OMU A C6    1 
HETATM 148 O  O2    . OMU A 1 8  ? -0.234  3.078   0.275   1.00 23.68  ? 8   OMU A O2    1 
HETATM 149 O  O4    . OMU A 1 8  ? -1.792  -0.011  3.183   1.00 22.39  ? 8   OMU A O4    1 
HETATM 150 C  "C1'" . OMU A 1 8  ? 1.063   4.558   2.243   1.00 27.78  ? 8   OMU A "C1'" 1 
HETATM 151 C  "C2'" . OMU A 1 8  ? 0.584   5.769   1.433   1.00 30.14  ? 8   OMU A "C2'" 1 
HETATM 152 O  "O2'" . OMU A 1 8  ? 1.640   6.253   0.610   1.00 30.87  ? 8   OMU A "O2'" 1 
HETATM 153 C  CM2   . OMU A 1 8  ? 2.041   5.437   -0.502  1.00 31.24  ? 8   OMU A CM2   1 
HETATM 154 C  "C3'" . OMU A 1 8  ? 0.262   6.768   2.542   1.00 29.60  ? 8   OMU A "C3'" 1 
HETATM 155 C  "C4'" . OMU A 1 8  ? 1.331   6.450   3.573   1.00 29.66  ? 8   OMU A "C4'" 1 
HETATM 156 O  "O3'" . OMU A 1 8  ? 0.427   8.111   2.097   1.00 30.18  ? 8   OMU A "O3'" 1 
HETATM 157 O  "O4'" . OMU A 1 8  ? 1.540   5.022   3.484   1.00 28.76  ? 8   OMU A "O4'" 1 
HETATM 158 C  "C5'" . OMU A 1 8  ? 1.026   6.821   5.000   1.00 30.13  ? 8   OMU A "C5'" 1 
HETATM 159 O  "O5'" . OMU A 1 8  ? 1.560   5.833   5.872   1.00 30.03  ? 8   OMU A "O5'" 1 
HETATM 160 P  P     . OMU A 1 8  ? 2.889   6.088   6.710   1.00 25.36  ? 8   OMU A P     1 
HETATM 161 O  OP1   . OMU A 1 8  ? 3.519   7.352   6.247   1.00 30.82  ? 8   OMU A OP1   1 
HETATM 162 O  OP2   . OMU A 1 8  ? 2.547   5.921   8.140   1.00 29.54  ? 8   OMU A OP2   1 
ATOM   163 P  P     . DC  A 1 9  ? -0.853  8.972   1.661   1.00 27.17  ? 9   DC  A P     1 
ATOM   164 O  OP1   . DC  A 1 9  ? -0.372  10.334  1.310   1.00 31.66  ? 9   DC  A OP1   1 
ATOM   165 O  OP2   . DC  A 1 9  ? -1.916  8.814   2.682   1.00 28.88  ? 9   DC  A OP2   1 
ATOM   166 O  "O5'" . DC  A 1 9  ? -1.351  8.267   0.326   1.00 25.45  ? 9   DC  A "O5'" 1 
ATOM   167 C  "C5'" . DC  A 1 9  ? -0.451  8.010   -0.745  1.00 23.87  ? 9   DC  A "C5'" 1 
ATOM   168 C  "C4'" . DC  A 1 9  ? -1.154  7.222   -1.827  1.00 22.51  ? 9   DC  A "C4'" 1 
ATOM   169 O  "O4'" . DC  A 1 9  ? -1.483  5.903   -1.332  1.00 19.60  ? 9   DC  A "O4'" 1 
ATOM   170 C  "C3'" . DC  A 1 9  ? -2.464  7.854   -2.300  1.00 22.80  ? 9   DC  A "C3'" 1 
ATOM   171 O  "O3'" . DC  A 1 9  ? -2.467  7.958   -3.728  1.00 24.32  ? 9   DC  A "O3'" 1 
ATOM   172 C  "C2'" . DC  A 1 9  ? -3.547  6.922   -1.777  1.00 21.46  ? 9   DC  A "C2'" 1 
ATOM   173 C  "C1'" . DC  A 1 9  ? -2.835  5.589   -1.619  1.00 18.90  ? 9   DC  A "C1'" 1 
ATOM   174 N  N1    . DC  A 1 9  ? -3.330  4.742   -0.521  1.00 17.73  ? 9   DC  A N1    1 
ATOM   175 C  C2    . DC  A 1 9  ? -3.959  3.531   -0.832  1.00 16.78  ? 9   DC  A C2    1 
ATOM   176 O  O2    . DC  A 1 9  ? -4.140  3.240   -2.025  1.00 17.68  ? 9   DC  A O2    1 
ATOM   177 N  N3    . DC  A 1 9  ? -4.354  2.715   0.176   1.00 15.62  ? 9   DC  A N3    1 
ATOM   178 C  C4    . DC  A 1 9  ? -4.143  3.073   1.448   1.00 14.14  ? 9   DC  A C4    1 
ATOM   179 N  N4    . DC  A 1 9  ? -4.498  2.218   2.413   1.00 14.74  ? 9   DC  A N4    1 
ATOM   180 C  C5    . DC  A 1 9  ? -3.543  4.318   1.788   1.00 15.94  ? 9   DC  A C5    1 
ATOM   181 C  C6    . DC  A 1 9  ? -3.158  5.114   0.783   1.00 15.48  ? 9   DC  A C6    1 
ATOM   182 P  P     . DG  A 1 10 ? -3.388  9.060   -4.451  1.00 25.26  ? 10  DG  A P     1 
ATOM   183 O  OP1   . DG  A 1 10 ? -2.733  9.391   -5.737  1.00 26.77  ? 10  DG  A OP1   1 
ATOM   184 O  OP2   . DG  A 1 10 ? -3.720  10.146  -3.496  1.00 24.81  ? 10  DG  A OP2   1 
ATOM   185 O  "O5'" . DG  A 1 10 ? -4.731  8.272   -4.771  1.00 23.95  ? 10  DG  A "O5'" 1 
ATOM   186 C  "C5'" . DG  A 1 10 ? -4.717  7.119   -5.603  1.00 22.64  ? 10  DG  A "C5'" 1 
ATOM   187 C  "C4'" . DG  A 1 10 ? -6.019  6.369   -5.467  1.00 21.14  ? 10  DG  A "C4'" 1 
ATOM   188 O  "O4'" . DG  A 1 10 ? -6.078  5.685   -4.193  1.00 20.06  ? 10  DG  A "O4'" 1 
ATOM   189 C  "C3'" . DG  A 1 10 ? -7.282  7.238   -5.532  1.00 20.92  ? 10  DG  A "C3'" 1 
ATOM   190 O  "O3'" . DG  A 1 10 ? -8.305  6.504   -6.207  1.00 21.42  ? 10  DG  A "O3'" 1 
ATOM   191 C  "C2'" . DG  A 1 10 ? -7.686  7.348   -4.072  1.00 19.33  ? 10  DG  A "C2'" 1 
ATOM   192 C  "C1'" . DG  A 1 10 ? -7.344  5.943   -3.623  1.00 18.34  ? 10  DG  A "C1'" 1 
ATOM   193 N  N9    . DG  A 1 10 ? -7.266  5.677   -2.189  1.00 16.79  ? 10  DG  A N9    1 
ATOM   194 C  C8    . DG  A 1 10 ? -6.916  6.534   -1.174  1.00 14.97  ? 10  DG  A C8    1 
ATOM   195 N  N7    . DG  A 1 10 ? -6.944  5.970   0.005   1.00 15.20  ? 10  DG  A N7    1 
ATOM   196 C  C5    . DG  A 1 10 ? -7.340  4.662   -0.252  1.00 15.50  ? 10  DG  A C5    1 
ATOM   197 C  C6    . DG  A 1 10 ? -7.558  3.567   0.630   1.00 13.14  ? 10  DG  A C6    1 
ATOM   198 O  O6    . DG  A 1 10 ? -7.447  3.523   1.860   1.00 14.82  ? 10  DG  A O6    1 
ATOM   199 N  N1    . DG  A 1 10 ? -7.951  2.426   -0.062  1.00 13.81  ? 10  DG  A N1    1 
ATOM   200 C  C2    . DG  A 1 10 ? -8.117  2.347   -1.420  1.00 14.32  ? 10  DG  A C2    1 
ATOM   201 N  N2    . DG  A 1 10 ? -8.507  1.162   -1.903  1.00 14.66  ? 10  DG  A N2    1 
ATOM   202 N  N3    . DG  A 1 10 ? -7.920  3.351   -2.247  1.00 15.12  ? 10  DG  A N3    1 
ATOM   203 C  C4    . DG  A 1 10 ? -7.537  4.470   -1.600  1.00 14.90  ? 10  DG  A C4    1 
ATOM   204 P  P     . DC  A 1 11 ? -8.627  6.805   -7.751  1.00 22.80  ? 11  DC  A P     1 
ATOM   205 O  OP1   . DC  A 1 11 ? -7.356  7.170   -8.426  1.00 25.77  ? 11  DC  A OP1   1 
ATOM   206 O  OP2   . DC  A 1 11 ? -9.784  7.733   -7.807  1.00 22.97  ? 11  DC  A OP2   1 
ATOM   207 O  "O5'" . DC  A 1 11 ? -9.111  5.385   -8.289  1.00 20.93  ? 11  DC  A "O5'" 1 
ATOM   208 C  "C5'" . DC  A 1 11 ? -8.199  4.297   -8.409  1.00 21.25  ? 11  DC  A "C5'" 1 
ATOM   209 C  "C4'" . DC  A 1 11 ? -8.878  3.000   -8.037  1.00 21.49  ? 11  DC  A "C4'" 1 
ATOM   210 O  "O4'" . DC  A 1 11 ? -9.085  2.909   -6.608  1.00 19.06  ? 11  DC  A "O4'" 1 
ATOM   211 C  "C3'" . DC  A 1 11 ? -10.247 2.769   -8.673  1.00 21.58  ? 11  DC  A "C3'" 1 
ATOM   212 O  "O3'" . DC  A 1 11 ? -10.354 1.393   -9.044  1.00 23.26  ? 11  DC  A "O3'" 1 
ATOM   213 C  "C2'" . DC  A 1 11 ? -11.217 3.134   -7.561  1.00 20.16  ? 11  DC  A "C2'" 1 
ATOM   214 C  "C1'" . DC  A 1 11 ? -10.462 2.707   -6.313  1.00 19.66  ? 11  DC  A "C1'" 1 
ATOM   215 N  N1    . DC  A 1 11 ? -10.763 3.479   -5.095  1.00 17.65  ? 11  DC  A N1    1 
ATOM   216 C  C2    . DC  A 1 11 ? -10.977 2.791   -3.895  1.00 17.77  ? 11  DC  A C2    1 
ATOM   217 O  O2    . DC  A 1 11 ? -11.009 1.554   -3.910  1.00 15.55  ? 11  DC  A O2    1 
ATOM   218 N  N3    . DC  A 1 11 ? -11.150 3.492   -2.754  1.00 16.21  ? 11  DC  A N3    1 
ATOM   219 C  C4    . DC  A 1 11 ? -11.130 4.825   -2.781  1.00 18.19  ? 11  DC  A C4    1 
ATOM   220 N  N4    . DC  A 1 11 ? -11.254 5.474   -1.621  1.00 19.41  ? 11  DC  A N4    1 
ATOM   221 C  C5    . DC  A 1 11 ? -10.968 5.552   -3.997  1.00 18.16  ? 11  DC  A C5    1 
ATOM   222 C  C6    . DC  A 1 11 ? -10.793 4.846   -5.121  1.00 16.73  ? 11  DC  A C6    1 
ATOM   223 P  P     . DG  A 1 12 ? -11.594 0.900   -9.938  1.00 25.85  ? 12  DG  A P     1 
ATOM   224 O  OP1   . DG  A 1 12 ? -11.090 -0.201  -10.794 1.00 25.60  ? 12  DG  A OP1   1 
ATOM   225 O  OP2   . DG  A 1 12 ? -12.242 2.079   -10.563 1.00 26.45  ? 12  DG  A OP2   1 
ATOM   226 O  "O5'" . DG  A 1 12 ? -12.599 0.298   -8.866  1.00 23.64  ? 12  DG  A "O5'" 1 
ATOM   227 C  "C5'" . DG  A 1 12 ? -12.323 -0.943  -8.226  1.00 22.41  ? 12  DG  A "C5'" 1 
ATOM   228 C  "C4'" . DG  A 1 12 ? -13.539 -1.397  -7.455  1.00 19.97  ? 12  DG  A "C4'" 1 
ATOM   229 O  "O4'" . DG  A 1 12 ? -13.657 -0.648  -6.224  1.00 20.53  ? 12  DG  A "O4'" 1 
ATOM   230 C  "C3'" . DG  A 1 12 ? -14.849 -1.206  -8.218  1.00 19.29  ? 12  DG  A "C3'" 1 
ATOM   231 O  "O3'" . DG  A 1 12 ? -15.570 -2.434  -8.297  1.00 20.49  ? 12  DG  A "O3'" 1 
ATOM   232 C  "C2'" . DG  A 1 12 ? -15.572 -0.096  -7.467  1.00 18.44  ? 12  DG  A "C2'" 1 
ATOM   233 C  "C1'" . DG  A 1 12 ? -14.960 -0.119  -6.074  1.00 17.80  ? 12  DG  A "C1'" 1 
ATOM   234 N  N9    . DG  A 1 12 ? -14.817 1.199   -5.461  1.00 15.86  ? 12  DG  A N9    1 
ATOM   235 C  C8    . DG  A 1 12 ? -14.612 2.393   -6.107  1.00 15.17  ? 12  DG  A C8    1 
ATOM   236 N  N7    . DG  A 1 12 ? -14.474 3.402   -5.292  1.00 17.22  ? 12  DG  A N7    1 
ATOM   237 C  C5    . DG  A 1 12 ? -14.605 2.841   -4.029  1.00 16.21  ? 12  DG  A C5    1 
ATOM   238 C  C6    . DG  A 1 12 ? -14.541 3.445   -2.747  1.00 16.52  ? 12  DG  A C6    1 
ATOM   239 O  O6    . DG  A 1 12 ? -14.345 4.635   -2.462  1.00 18.04  ? 12  DG  A O6    1 
ATOM   240 N  N1    . DG  A 1 12 ? -14.736 2.512   -1.734  1.00 15.50  ? 12  DG  A N1    1 
ATOM   241 C  C2    . DG  A 1 12 ? -14.967 1.172   -1.927  1.00 14.19  ? 12  DG  A C2    1 
ATOM   242 N  N2    . DG  A 1 12 ? -15.148 0.438   -0.818  1.00 15.49  ? 12  DG  A N2    1 
ATOM   243 N  N3    . DG  A 1 12 ? -15.021 0.596   -3.118  1.00 15.20  ? 12  DG  A N3    1 
ATOM   244 C  C4    . DG  A 1 12 ? -14.832 1.484   -4.116  1.00 15.68  ? 12  DG  A C4    1 
ATOM   245 O  "O5'" . DC  B 1 1  ? -16.510 5.179   6.739   1.00 30.08  ? 13  DC  B "O5'" 1 
ATOM   246 C  "C5'" . DC  B 1 1  ? -17.610 4.270   6.757   1.00 27.15  ? 13  DC  B "C5'" 1 
ATOM   247 C  "C4'" . DC  B 1 1  ? -17.237 2.917   6.197   1.00 26.97  ? 13  DC  B "C4'" 1 
ATOM   248 O  "O4'" . DC  B 1 1  ? -17.070 2.995   4.763   1.00 24.99  ? 13  DC  B "O4'" 1 
ATOM   249 C  "C3'" . DC  B 1 1  ? -15.940 2.331   6.750   1.00 26.39  ? 13  DC  B "C3'" 1 
ATOM   250 O  "O3'" . DC  B 1 1  ? -16.124 0.941   7.032   1.00 26.67  ? 13  DC  B "O3'" 1 
ATOM   251 C  "C2'" . DC  B 1 1  ? -14.932 2.557   5.636   1.00 26.09  ? 13  DC  B "C2'" 1 
ATOM   252 C  "C1'" . DC  B 1 1  ? -15.788 2.524   4.378   1.00 25.76  ? 13  DC  B "C1'" 1 
ATOM   253 N  N1    . DC  B 1 1  ? -15.319 3.387   3.280   1.00 24.41  ? 13  DC  B N1    1 
ATOM   254 C  C2    . DC  B 1 1  ? -15.107 2.821   2.013   1.00 23.79  ? 13  DC  B C2    1 
ATOM   255 O  O2    . DC  B 1 1  ? -15.277 1.602   1.859   1.00 21.76  ? 13  DC  B O2    1 
ATOM   256 N  N3    . DC  B 1 1  ? -14.725 3.619   0.990   1.00 21.12  ? 13  DC  B N3    1 
ATOM   257 C  C4    . DC  B 1 1  ? -14.549 4.927   1.193   1.00 23.96  ? 13  DC  B C4    1 
ATOM   258 N  N4    . DC  B 1 1  ? -14.192 5.678   0.150   1.00 21.34  ? 13  DC  B N4    1 
ATOM   259 C  C5    . DC  B 1 1  ? -14.737 5.524   2.475   1.00 21.69  ? 13  DC  B C5    1 
ATOM   260 C  C6    . DC  B 1 1  ? -15.114 4.724   3.481   1.00 24.07  ? 13  DC  B C6    1 
ATOM   261 P  P     . DG  B 1 2  ? -15.091 0.185   7.998   1.00 26.90  ? 14  DG  B P     1 
ATOM   262 O  OP1   . DG  B 1 2  ? -15.879 -0.661  8.929   1.00 27.84  ? 14  DG  B OP1   1 
ATOM   263 O  OP2   . DG  B 1 2  ? -14.137 1.181   8.537   1.00 28.83  ? 14  DG  B OP2   1 
ATOM   264 O  "O5'" . DG  B 1 2  ? -14.305 -0.779  7.006   1.00 25.63  ? 14  DG  B "O5'" 1 
ATOM   265 C  "C5'" . DG  B 1 2  ? -15.013 -1.671  6.154   1.00 21.86  ? 14  DG  B "C5'" 1 
ATOM   266 C  "C4'" . DG  B 1 2  ? -14.141 -2.067  4.990   1.00 20.43  ? 14  DG  B "C4'" 1 
ATOM   267 O  "O4'" . DG  B 1 2  ? -13.895 -0.923  4.144   1.00 18.80  ? 14  DG  B "O4'" 1 
ATOM   268 C  "C3'" . DG  B 1 2  ? -12.767 -2.607  5.391   1.00 21.20  ? 14  DG  B "C3'" 1 
ATOM   269 O  "O3'" . DG  B 1 2  ? -12.641 -3.934  4.889   1.00 20.61  ? 14  DG  B "O3'" 1 
ATOM   270 C  "C2'" . DG  B 1 2  ? -11.776 -1.671  4.714   1.00 21.23  ? 14  DG  B "C2'" 1 
ATOM   271 C  "C1'" . DG  B 1 2  ? -12.597 -1.041  3.607   1.00 19.74  ? 14  DG  B "C1'" 1 
ATOM   272 N  N9    . DG  B 1 2  ? -12.155 0.292   3.211   1.00 17.45  ? 14  DG  B N9    1 
ATOM   273 C  C8    . DG  B 1 2  ? -11.870 1.350   4.039   1.00 16.93  ? 14  DG  B C8    1 
ATOM   274 N  N7    . DG  B 1 2  ? -11.505 2.422   3.390   1.00 16.68  ? 14  DG  B N7    1 
ATOM   275 C  C5    . DG  B 1 2  ? -11.550 2.048   2.053   1.00 17.15  ? 14  DG  B C5    1 
ATOM   276 C  C6    . DG  B 1 2  ? -11.265 2.794   0.883   1.00 16.46  ? 14  DG  B C6    1 
ATOM   277 O  O6    . DG  B 1 2  ? -10.913 3.974   0.793   1.00 17.73  ? 14  DG  B O6    1 
ATOM   278 N  N1    . DG  B 1 2  ? -11.436 2.030   -0.266  1.00 13.42  ? 14  DG  B N1    1 
ATOM   279 C  C2    . DG  B 1 2  ? -11.839 0.717   -0.291  1.00 13.64  ? 14  DG  B C2    1 
ATOM   280 N  N2    . DG  B 1 2  ? -11.947 0.157   -1.506  1.00 14.53  ? 14  DG  B N2    1 
ATOM   281 N  N3    . DG  B 1 2  ? -12.115 0.011   0.794   1.00 14.63  ? 14  DG  B N3    1 
ATOM   282 C  C4    . DG  B 1 2  ? -11.947 0.736   1.925   1.00 15.59  ? 14  DG  B C4    1 
ATOM   283 P  P     . DC  B 1 3  ? -11.408 -4.853  5.344   1.00 18.72  ? 15  DC  B P     1 
ATOM   284 O  OP1   . DC  B 1 3  ? -11.995 -6.103  5.888   1.00 22.92  ? 15  DC  B OP1   1 
ATOM   285 O  OP2   . DC  B 1 3  ? -10.445 -4.075  6.161   1.00 21.80  ? 15  DC  B OP2   1 
ATOM   286 O  "O5'" . DC  B 1 3  ? -10.732 -5.223  3.956   1.00 18.52  ? 15  DC  B "O5'" 1 
ATOM   287 C  "C5'" . DC  B 1 3  ? -11.534 -5.734  2.894   1.00 18.72  ? 15  DC  B "C5'" 1 
ATOM   288 C  "C4'" . DC  B 1 3  ? -11.042 -5.209  1.567   1.00 17.12  ? 15  DC  B "C4'" 1 
ATOM   289 O  "O4'" . DC  B 1 3  ? -11.055 -3.769  1.591   1.00 16.64  ? 15  DC  B "O4'" 1 
ATOM   290 C  "C3'" . DC  B 1 3  ? -9.605  -5.580  1.235   1.00 19.16  ? 15  DC  B "C3'" 1 
ATOM   291 O  "O3'" . DC  B 1 3  ? -9.602  -6.820  0.530   1.00 20.48  ? 15  DC  B "O3'" 1 
ATOM   292 C  "C2'" . DC  B 1 3  ? -9.158  -4.447  0.326   1.00 18.87  ? 15  DC  B "C2'" 1 
ATOM   293 C  "C1'" . DC  B 1 3  ? -10.044 -3.268  0.726   1.00 16.33  ? 15  DC  B "C1'" 1 
ATOM   294 N  N1    . DC  B 1 3  ? -9.350  -2.188  1.442   1.00 14.55  ? 15  DC  B N1    1 
ATOM   295 C  C2    . DC  B 1 3  ? -8.951  -1.055  0.733   1.00 14.34  ? 15  DC  B C2    1 
ATOM   296 O  O2    . DC  B 1 3  ? -9.101  -1.033  -0.497  1.00 13.66  ? 15  DC  B O2    1 
ATOM   297 N  N3    . DC  B 1 3  ? -8.401  -0.017  1.402   1.00 12.93  ? 15  DC  B N3    1 
ATOM   298 C  C4    . DC  B 1 3  ? -8.217  -0.099  2.722   1.00 15.30  ? 15  DC  B C4    1 
ATOM   299 N  N4    . DC  B 1 3  ? -7.700  0.959   3.345   1.00 13.99  ? 15  DC  B N4    1 
ATOM   300 C  C5    . DC  B 1 3  ? -8.561  -1.266  3.462   1.00 14.17  ? 15  DC  B C5    1 
ATOM   301 C  C6    . DC  B 1 3  ? -9.123  -2.279  2.788   1.00 15.29  ? 15  DC  B C6    1 
ATOM   302 P  P     . DG  B 1 4  ? -8.236  -7.646  0.373   1.00 22.84  ? 16  DG  B P     1 
ATOM   303 O  OP1   . DG  B 1 4  ? -8.615  -9.057  0.092   1.00 25.53  ? 16  DG  B OP1   1 
ATOM   304 O  OP2   . DG  B 1 4  ? -7.360  -7.335  1.525   1.00 23.67  ? 16  DG  B OP2   1 
ATOM   305 O  "O5'" . DG  B 1 4  ? -7.572  -7.041  -0.943  1.00 21.26  ? 16  DG  B "O5'" 1 
ATOM   306 C  "C5'" . DG  B 1 4  ? -8.273  -7.062  -2.184  1.00 19.77  ? 16  DG  B "C5'" 1 
ATOM   307 C  "C4'" . DG  B 1 4  ? -7.528  -6.258  -3.220  1.00 16.81  ? 16  DG  B "C4'" 1 
ATOM   308 O  "O4'" . DG  B 1 4  ? -7.418  -4.888  -2.757  1.00 15.37  ? 16  DG  B "O4'" 1 
ATOM   309 C  "C3'" . DG  B 1 4  ? -6.099  -6.715  -3.517  1.00 17.10  ? 16  DG  B "C3'" 1 
ATOM   310 O  "O3'" . DG  B 1 4  ? -5.839  -6.507  -4.911  1.00 18.56  ? 16  DG  B "O3'" 1 
ATOM   311 C  "C2'" . DG  B 1 4  ? -5.260  -5.824  -2.622  1.00 15.91  ? 16  DG  B "C2'" 1 
ATOM   312 C  "C1'" . DG  B 1 4  ? -6.051  -4.529  -2.607  1.00 18.33  ? 16  DG  B "C1'" 1 
ATOM   313 N  N9    . DG  B 1 4  ? -5.907  -3.772  -1.366  1.00 15.73  ? 16  DG  B N9    1 
ATOM   314 C  C8    . DG  B 1 4  ? -5.896  -4.266  -0.080  1.00 15.64  ? 16  DG  B C8    1 
ATOM   315 N  N7    . DG  B 1 4  ? -5.690  -3.343  0.822   1.00 14.73  ? 16  DG  B N7    1 
ATOM   316 C  C5    . DG  B 1 4  ? -5.567  -2.168  0.089   1.00 14.11  ? 16  DG  B C5    1 
ATOM   317 C  C6    . DG  B 1 4  ? -5.314  -0.835  0.517   1.00 14.18  ? 16  DG  B C6    1 
ATOM   318 O  O6    . DG  B 1 4  ? -5.137  -0.413  1.666   1.00 12.70  ? 16  DG  B O6    1 
ATOM   319 N  N1    . DG  B 1 4  ? -5.269  0.046   -0.561  1.00 12.62  ? 16  DG  B N1    1 
ATOM   320 C  C2    . DG  B 1 4  ? -5.440  -0.304  -1.879  1.00 12.56  ? 16  DG  B C2    1 
ATOM   321 N  N2    . DG  B 1 4  ? -5.358  0.688   -2.774  1.00 15.96  ? 16  DG  B N2    1 
ATOM   322 N  N3    . DG  B 1 4  ? -5.672  -1.542  -2.290  1.00 13.96  ? 16  DG  B N3    1 
ATOM   323 C  C4    . DG  B 1 4  ? -5.718  -2.415  -1.262  1.00 15.90  ? 16  DG  B C4    1 
ATOM   324 P  P     . DA  B 1 5  ? -4.329  -6.440  -5.465  1.00 19.24  ? 17  DA  B P     1 
ATOM   325 O  OP1   . DA  B 1 5  ? -4.373  -7.019  -6.834  1.00 20.26  ? 17  DA  B OP1   1 
ATOM   326 O  OP2   . DA  B 1 5  ? -3.386  -6.993  -4.462  1.00 20.86  ? 17  DA  B OP2   1 
ATOM   327 O  "O5'" . DA  B 1 5  ? -4.065  -4.878  -5.624  1.00 19.57  ? 17  DA  B "O5'" 1 
ATOM   328 C  "C5'" . DA  B 1 5  ? -5.014  -4.047  -6.291  1.00 17.82  ? 17  DA  B "C5'" 1 
ATOM   329 C  "C4'" . DA  B 1 5  ? -4.421  -2.683  -6.563  1.00 19.17  ? 17  DA  B "C4'" 1 
ATOM   330 O  "O4'" . DA  B 1 5  ? -4.208  -1.960  -5.331  1.00 17.77  ? 17  DA  B "O4'" 1 
ATOM   331 C  "C3'" . DA  B 1 5  ? -3.078  -2.679  -7.280  1.00 18.61  ? 17  DA  B "C3'" 1 
ATOM   332 O  "O3'" . DA  B 1 5  ? -3.016  -1.549  -8.155  1.00 21.19  ? 17  DA  B "O3'" 1 
ATOM   333 C  "C2'" . DA  B 1 5  ? -2.076  -2.579  -6.141  1.00 18.80  ? 17  DA  B "C2'" 1 
ATOM   334 C  "C1'" . DA  B 1 5  ? -2.820  -1.757  -5.095  1.00 17.42  ? 17  DA  B "C1'" 1 
ATOM   335 N  N9    . DA  B 1 5  ? -2.568  -2.130  -3.705  1.00 14.80  ? 17  DA  B N9    1 
ATOM   336 C  C8    . DA  B 1 5  ? -2.605  -3.386  -3.150  1.00 15.33  ? 17  DA  B C8    1 
ATOM   337 N  N7    . DA  B 1 5  ? -2.425  -3.396  -1.853  1.00 16.44  ? 17  DA  B N7    1 
ATOM   338 C  C5    . DA  B 1 5  ? -2.241  -2.059  -1.531  1.00 14.14  ? 17  DA  B C5    1 
ATOM   339 C  C6    . DA  B 1 5  ? -2.023  -1.400  -0.310  1.00 13.05  ? 17  DA  B C6    1 
ATOM   340 N  N6    . DA  B 1 5  ? -1.973  -2.022  0.870   1.00 15.99  ? 17  DA  B N6    1 
ATOM   341 N  N1    . DA  B 1 5  ? -1.866  -0.059  -0.343  1.00 14.28  ? 17  DA  B N1    1 
ATOM   342 C  C2    . DA  B 1 5  ? -1.932  0.567   -1.518  1.00 15.45  ? 17  DA  B C2    1 
ATOM   343 N  N3    . DA  B 1 5  ? -2.147  0.061   -2.733  1.00 15.46  ? 17  DA  B N3    1 
ATOM   344 C  C4    . DA  B 1 5  ? -2.297  -1.270  -2.668  1.00 14.56  ? 17  DA  B C4    1 
ATOM   345 P  P     . DA  B 1 6  ? -1.679  -1.263  -8.995  1.00 23.02  ? 18  DA  B P     1 
ATOM   346 O  OP1   . DA  B 1 6  ? -2.065  -0.541  -10.234 1.00 23.48  ? 18  DA  B OP1   1 
ATOM   347 O  OP2   . DA  B 1 6  ? -0.912  -2.528  -9.093  1.00 23.28  ? 18  DA  B OP2   1 
ATOM   348 O  "O5'" . DA  B 1 6  ? -0.864  -0.263  -8.063  1.00 22.66  ? 18  DA  B "O5'" 1 
ATOM   349 C  "C5'" . DA  B 1 6  ? -1.397  1.012   -7.719  1.00 20.54  ? 18  DA  B "C5'" 1 
ATOM   350 C  "C4'" . DA  B 1 6  ? -0.453  1.732   -6.787  1.00 22.02  ? 18  DA  B "C4'" 1 
ATOM   351 O  "O4'" . DA  B 1 6  ? -0.428  1.067   -5.505  1.00 19.58  ? 18  DA  B "O4'" 1 
ATOM   352 C  "C3'" . DA  B 1 6  ? 1.000   1.804   -7.264  1.00 21.73  ? 18  DA  B "C3'" 1 
ATOM   353 O  "O3'" . DA  B 1 6  ? 1.420   3.172   -7.299  1.00 25.38  ? 18  DA  B "O3'" 1 
ATOM   354 C  "C2'" . DA  B 1 6  ? 1.780   0.995   -6.235  1.00 18.81  ? 18  DA  B "C2'" 1 
ATOM   355 C  "C1'" . DA  B 1 6  ? 0.896   1.065   -5.006  1.00 18.81  ? 18  DA  B "C1'" 1 
ATOM   356 N  N9    . DA  B 1 6  ? 1.004   -0.067  -4.086  1.00 16.32  ? 18  DA  B N9    1 
ATOM   357 C  C8    . DA  B 1 6  ? 0.827   -1.396  -4.379  1.00 16.47  ? 18  DA  B C8    1 
ATOM   358 N  N7    . DA  B 1 6  ? 0.892   -2.183  -3.332  1.00 15.63  ? 18  DA  B N7    1 
ATOM   359 C  C5    . DA  B 1 6  ? 1.150   -1.317  -2.279  1.00 14.64  ? 18  DA  B C5    1 
ATOM   360 C  C6    . DA  B 1 6  ? 1.313   -1.526  -0.893  1.00 14.09  ? 18  DA  B C6    1 
ATOM   361 N  N6    . DA  B 1 6  ? 1.192   -2.719  -0.299  1.00 13.68  ? 18  DA  B N6    1 
ATOM   362 N  N1    . DA  B 1 6  ? 1.587   -0.449  -0.126  1.00 12.78  ? 18  DA  B N1    1 
ATOM   363 C  C2    . DA  B 1 6  ? 1.668   0.754   -0.713  1.00 14.88  ? 18  DA  B C2    1 
ATOM   364 N  N3    . DA  B 1 6  ? 1.509   1.081   -1.996  1.00 15.92  ? 18  DA  B N3    1 
ATOM   365 C  C4    . DA  B 1 6  ? 1.251   -0.013  -2.734  1.00 16.10  ? 18  DA  B C4    1 
ATOM   366 P  P     . DT  B 1 7  ? 2.880   3.551   -7.852  1.00 26.47  ? 19  DT  B P     1 
ATOM   367 O  OP1   . DT  B 1 7  ? 2.797   4.922   -8.413  1.00 29.42  ? 19  DT  B OP1   1 
ATOM   368 O  OP2   . DT  B 1 7  ? 3.382   2.444   -8.700  1.00 26.87  ? 19  DT  B OP2   1 
ATOM   369 O  "O5'" . DT  B 1 7  ? 3.767   3.613   -6.530  1.00 27.36  ? 19  DT  B "O5'" 1 
ATOM   370 C  "C5'" . DT  B 1 7  ? 3.432   4.513   -5.476  1.00 26.97  ? 19  DT  B "C5'" 1 
ATOM   371 C  "C4'" . DT  B 1 7  ? 4.335   4.285   -4.288  1.00 27.58  ? 19  DT  B "C4'" 1 
ATOM   372 O  "O4'" . DT  B 1 7  ? 4.018   3.029   -3.644  1.00 27.27  ? 19  DT  B "O4'" 1 
ATOM   373 C  "C3'" . DT  B 1 7  ? 5.829   4.234   -4.622  1.00 28.11  ? 19  DT  B "C3'" 1 
ATOM   374 O  "O3'" . DT  B 1 7  ? 6.527   5.234   -3.866  1.00 30.75  ? 19  DT  B "O3'" 1 
ATOM   375 C  "C2'" . DT  B 1 7  ? 6.254   2.827   -4.225  1.00 27.89  ? 19  DT  B "C2'" 1 
ATOM   376 C  "C1'" . DT  B 1 7  ? 5.224   2.468   -3.175  1.00 24.93  ? 19  DT  B "C1'" 1 
ATOM   377 N  N1    . DT  B 1 7  ? 4.998   1.027   -2.944  1.00 21.61  ? 19  DT  B N1    1 
ATOM   378 C  C2    . DT  B 1 7  ? 5.052   0.592   -1.646  1.00 18.85  ? 19  DT  B C2    1 
ATOM   379 O  O2    . DT  B 1 7  ? 5.292   1.330   -0.708  1.00 19.61  ? 19  DT  B O2    1 
ATOM   380 N  N3    . DT  B 1 7  ? 4.813   -0.742  -1.485  1.00 18.49  ? 19  DT  B N3    1 
ATOM   381 C  C4    . DT  B 1 7  ? 4.533   -1.667  -2.464  1.00 17.91  ? 19  DT  B C4    1 
ATOM   382 O  O4    . DT  B 1 7  ? 4.319   -2.834  -2.149  1.00 16.15  ? 19  DT  B O4    1 
ATOM   383 C  C5    . DT  B 1 7  ? 4.506   -1.160  -3.828  1.00 17.99  ? 19  DT  B C5    1 
ATOM   384 C  C7    . DT  B 1 7  ? 4.236   -2.096  -4.963  1.00 18.08  ? 19  DT  B C7    1 
ATOM   385 C  C6    . DT  B 1 7  ? 4.739   0.155   -3.982  1.00 19.22  ? 19  DT  B C6    1 
HETATM 386 N  N1    . OMU B 1 8  ? 8.487   1.257   -0.832  1.00 25.24  ? 20  OMU B N1    1 
HETATM 387 C  C2    . OMU B 1 8  ? 8.382   0.264   0.109   1.00 23.04  ? 20  OMU B C2    1 
HETATM 388 N  N3    . OMU B 1 8  ? 8.231   -0.990  -0.416  1.00 22.19  ? 20  OMU B N3    1 
HETATM 389 C  C4    . OMU B 1 8  ? 8.189   -1.343  -1.755  1.00 22.49  ? 20  OMU B C4    1 
HETATM 390 C  C5    . OMU B 1 8  ? 8.358   -0.252  -2.714  1.00 24.98  ? 20  OMU B C5    1 
HETATM 391 C  C6    . OMU B 1 8  ? 8.505   0.968   -2.176  1.00 23.39  ? 20  OMU B C6    1 
HETATM 392 O  O2    . OMU B 1 8  ? 8.424   0.471   1.309   1.00 21.67  ? 20  OMU B O2    1 
HETATM 393 O  O4    . OMU B 1 8  ? 8.009   -2.515  -2.064  1.00 21.38  ? 20  OMU B O4    1 
HETATM 394 C  "C1'" . OMU B 1 8  ? 8.537   2.672   -0.410  1.00 28.03  ? 20  OMU B "C1'" 1 
HETATM 395 C  "C2'" . OMU B 1 8  ? 9.783   3.138   0.352   1.00 28.78  ? 20  OMU B "C2'" 1 
HETATM 396 O  "O2'" . OMU B 1 8  ? 9.425   4.129   1.298   1.00 29.49  ? 20  OMU B "O2'" 1 
HETATM 397 C  CM2   . OMU B 1 8  ? 9.074   3.666   2.607   1.00 30.66  ? 20  OMU B CM2   1 
HETATM 398 C  "C3'" . OMU B 1 8  ? 10.643  3.697   -0.779  1.00 28.84  ? 20  OMU B "C3'" 1 
HETATM 399 C  "C4'" . OMU B 1 8  ? 9.605   4.299   -1.713  1.00 29.96  ? 20  OMU B "C4'" 1 
HETATM 400 O  "O3'" . OMU B 1 8  ? 11.533  4.717   -0.332  1.00 27.99  ? 20  OMU B "O3'" 1 
HETATM 401 O  "O4'" . OMU B 1 8  ? 8.428   3.466   -1.576  1.00 29.57  ? 20  OMU B "O4'" 1 
HETATM 402 C  "C5'" . OMU B 1 8  ? 10.020  4.394   -3.163  1.00 31.08  ? 20  OMU B "C5'" 1 
HETATM 403 O  "O5'" . OMU B 1 8  ? 8.874   4.359   -4.008  1.00 33.45  ? 20  OMU B "O5'" 1 
HETATM 404 P  P     . OMU B 1 8  ? 8.012   5.667   -4.294  1.00 32.70  ? 20  OMU B P     1 
HETATM 405 O  OP1   . OMU B 1 8  ? 8.447   6.718   -3.337  1.00 33.88  ? 20  OMU B OP1   1 
HETATM 406 O  OP2   . OMU B 1 8  ? 8.052   5.938   -5.754  1.00 33.92  ? 20  OMU B OP2   1 
ATOM   407 P  P     . DC  B 1 9  ? 13.110  4.420   -0.248  1.00 27.21  ? 21  DC  B P     1 
ATOM   408 O  OP1   . DC  B 1 9  ? 13.801  5.714   -0.012  1.00 28.67  ? 21  DC  B OP1   1 
ATOM   409 O  OP2   . DC  B 1 9  ? 13.496  3.586   -1.414  1.00 27.68  ? 21  DC  B OP2   1 
ATOM   410 O  "O5'" . DC  B 1 9  ? 13.260  3.534   1.069   1.00 27.37  ? 21  DC  B "O5'" 1 
ATOM   411 C  "C5'" . DC  B 1 9  ? 12.656  3.942   2.294   1.00 27.37  ? 21  DC  B "C5'" 1 
ATOM   412 C  "C4'" . DC  B 1 9  ? 12.616  2.787   3.268   1.00 26.93  ? 21  DC  B "C4'" 1 
ATOM   413 O  "O4'" . DC  B 1 9  ? 11.814  1.716   2.720   1.00 26.65  ? 21  DC  B "O4'" 1 
ATOM   414 C  "C3'" . DC  B 1 9  ? 13.973  2.183   3.626   1.00 27.08  ? 21  DC  B "C3'" 1 
ATOM   415 O  "O3'" . DC  B 1 9  ? 14.089  2.079   5.048   1.00 27.76  ? 21  DC  B "O3'" 1 
ATOM   416 C  "C2'" . DC  B 1 9  ? 13.970  0.816   2.960   1.00 26.12  ? 21  DC  B "C2'" 1 
ATOM   417 C  "C1'" . DC  B 1 9  ? 12.497  0.478   2.800   1.00 25.64  ? 21  DC  B "C1'" 1 
ATOM   418 N  N1    . DC  B 1 9  ? 12.187  -0.271  1.570   1.00 23.85  ? 21  DC  B N1    1 
ATOM   419 C  C2    . DC  B 1 9  ? 11.797  -1.615  1.663   1.00 23.60  ? 21  DC  B C2    1 
ATOM   420 O  O2    . DC  B 1 9  ? 11.720  -2.145  2.780   1.00 24.30  ? 21  DC  B O2    1 
ATOM   421 N  N3    . DC  B 1 9  ? 11.511  -2.299  0.530   1.00 21.81  ? 21  DC  B N3    1 
ATOM   422 C  C4    . DC  B 1 9  ? 11.598  -1.689  -0.655  1.00 23.03  ? 21  DC  B C4    1 
ATOM   423 N  N4    . DC  B 1 9  ? 11.302  -2.397  -1.747  1.00 21.00  ? 21  DC  B N4    1 
ATOM   424 C  C5    . DC  B 1 9  ? 11.992  -0.327  -0.777  1.00 23.75  ? 21  DC  B C5    1 
ATOM   425 C  C6    . DC  B 1 9  ? 12.274  0.338   0.351   1.00 24.60  ? 21  DC  B C6    1 
ATOM   426 P  P     . DG  B 1 10 ? 15.539  1.979   5.728   1.00 27.04  ? 22  DG  B P     1 
ATOM   427 O  OP1   . DG  B 1 10 ? 15.371  2.307   7.167   1.00 29.57  ? 22  DG  B OP1   1 
ATOM   428 O  OP2   . DG  B 1 10 ? 16.522  2.734   4.910   1.00 28.32  ? 22  DG  B OP2   1 
ATOM   429 O  "O5'" . DG  B 1 10 ? 15.887  0.432   5.620   1.00 25.11  ? 22  DG  B "O5'" 1 
ATOM   430 C  "C5'" . DG  B 1 10 ? 15.207  -0.515  6.432   1.00 24.02  ? 22  DG  B "C5'" 1 
ATOM   431 C  "C4'" . DG  B 1 10 ? 15.618  -1.913  6.042   1.00 23.27  ? 22  DG  B "C4'" 1 
ATOM   432 O  "O4'" . DG  B 1 10 ? 15.050  -2.264  4.757   1.00 23.73  ? 22  DG  B "O4'" 1 
ATOM   433 C  "C3'" . DG  B 1 10 ? 17.129  -2.108  5.897   1.00 23.32  ? 22  DG  B "C3'" 1 
ATOM   434 O  "O3'" . DG  B 1 10 ? 17.454  -3.407  6.379   1.00 21.47  ? 22  DG  B "O3'" 1 
ATOM   435 C  "C2'" . DG  B 1 10 ? 17.329  -2.094  4.394   1.00 23.11  ? 22  DG  B "C2'" 1 
ATOM   436 C  "C1'" . DG  B 1 10 ? 16.082  -2.842  3.980   1.00 22.04  ? 22  DG  B "C1'" 1 
ATOM   437 N  N9    . DG  B 1 10 ? 15.709  -2.744  2.576   1.00 21.07  ? 22  DG  B N9    1 
ATOM   438 C  C8    . DG  B 1 10 ? 15.887  -1.678  1.726   1.00 20.91  ? 22  DG  B C8    1 
ATOM   439 N  N7    . DG  B 1 10 ? 15.448  -1.910  0.519   1.00 20.85  ? 22  DG  B N7    1 
ATOM   440 C  C5    . DG  B 1 10 ? 14.948  -3.204  0.579   1.00 18.70  ? 22  DG  B C5    1 
ATOM   441 C  C6    . DG  B 1 10 ? 14.342  -4.006  -0.423  1.00 15.39  ? 22  DG  B C6    1 
ATOM   442 O  O6    . DG  B 1 10 ? 14.120  -3.725  -1.600  1.00 15.87  ? 22  DG  B O6    1 
ATOM   443 N  N1    . DG  B 1 10 ? 13.989  -5.258  0.068   1.00 13.50  ? 22  DG  B N1    1 
ATOM   444 C  C2    . DG  B 1 10 ? 14.190  -5.687  1.356   1.00 13.96  ? 22  DG  B C2    1 
ATOM   445 N  N2    . DG  B 1 10 ? 13.778  -6.929  1.641   1.00 16.22  ? 22  DG  B N2    1 
ATOM   446 N  N3    . DG  B 1 10 ? 14.752  -4.951  2.298   1.00 16.62  ? 22  DG  B N3    1 
ATOM   447 C  C4    . DG  B 1 10 ? 15.103  -3.730  1.841   1.00 19.12  ? 22  DG  B C4    1 
ATOM   448 P  P     . DC  B 1 11 ? 18.870  -3.672  7.075   1.00 21.09  ? 23  DC  B P     1 
ATOM   449 O  OP1   . DC  B 1 11 ? 18.754  -3.269  8.499   1.00 23.02  ? 23  DC  B OP1   1 
ATOM   450 O  OP2   . DC  B 1 11 ? 19.942  -3.096  6.228   1.00 21.08  ? 23  DC  B OP2   1 
ATOM   451 O  "O5'" . DC  B 1 11 ? 18.978  -5.259  7.026   1.00 18.84  ? 23  DC  B "O5'" 1 
ATOM   452 C  "C5'" . DC  B 1 11 ? 17.992  -6.066  7.663   1.00 18.60  ? 23  DC  B "C5'" 1 
ATOM   453 C  "C4'" . DC  B 1 11 ? 17.558  -7.184  6.745   1.00 16.44  ? 23  DC  B "C4'" 1 
ATOM   454 O  "O4'" . DC  B 1 11 ? 16.821  -6.681  5.611   1.00 15.57  ? 23  DC  B "O4'" 1 
ATOM   455 C  "C3'" . DC  B 1 11 ? 18.690  -7.982  6.122   1.00 17.70  ? 23  DC  B "C3'" 1 
ATOM   456 O  "O3'" . DC  B 1 11 ? 19.198  -8.925  7.058   1.00 18.41  ? 23  DC  B "O3'" 1 
ATOM   457 C  "C2'" . DC  B 1 11 ? 17.986  -8.659  4.964   1.00 15.37  ? 23  DC  B "C2'" 1 
ATOM   458 C  "C1'" . DC  B 1 11 ? 16.988  -7.590  4.519   1.00 15.35  ? 23  DC  B "C1'" 1 
ATOM   459 N  N1    . DC  B 1 11 ? 17.431  -6.823  3.348   1.00 15.03  ? 23  DC  B N1    1 
ATOM   460 C  C2    . DC  B 1 11 ? 17.138  -7.324  2.088   1.00 13.80  ? 23  DC  B C2    1 
ATOM   461 O  O2    . DC  B 1 11 ? 16.599  -8.434  2.007   1.00 15.08  ? 23  DC  B O2    1 
ATOM   462 N  N3    . DC  B 1 11 ? 17.454  -6.596  0.993   1.00 17.04  ? 23  DC  B N3    1 
ATOM   463 C  C4    . DC  B 1 11 ? 18.065  -5.417  1.133   1.00 16.21  ? 23  DC  B C4    1 
ATOM   464 N  N4    . DC  B 1 11 ? 18.314  -4.708  0.031   1.00 16.73  ? 23  DC  B N4    1 
ATOM   465 C  C5    . DC  B 1 11 ? 18.433  -4.908  2.412   1.00 16.37  ? 23  DC  B C5    1 
ATOM   466 C  C6    . DC  B 1 11 ? 18.095  -5.636  3.485   1.00 16.51  ? 23  DC  B C6    1 
ATOM   467 P  P     . DG  B 1 12 ? 20.657  -9.559  6.834   1.00 18.63  ? 24  DG  B P     1 
ATOM   468 O  OP1   . DG  B 1 12 ? 20.966  -10.318 8.071   1.00 19.36  ? 24  DG  B OP1   1 
ATOM   469 O  OP2   . DG  B 1 12 ? 21.607  -8.532  6.345   1.00 17.82  ? 24  DG  B OP2   1 
ATOM   470 O  "O5'" . DG  B 1 12 ? 20.443  -10.604 5.651   1.00 16.39  ? 24  DG  B "O5'" 1 
ATOM   471 C  "C5'" . DG  B 1 12 ? 19.615  -11.752 5.814   1.00 16.91  ? 24  DG  B "C5'" 1 
ATOM   472 C  "C4'" . DG  B 1 12 ? 19.451  -12.466 4.492   1.00 16.01  ? 24  DG  B "C4'" 1 
ATOM   473 O  "O4'" . DG  B 1 12 ? 18.733  -11.629 3.562   1.00 14.98  ? 24  DG  B "O4'" 1 
ATOM   474 C  "C3'" . DG  B 1 12 ? 20.748  -12.817 3.771   1.00 16.57  ? 24  DG  B "C3'" 1 
ATOM   475 O  "O3'" . DG  B 1 12 ? 21.390  -13.979 4.303   1.00 17.42  ? 24  DG  B "O3'" 1 
ATOM   476 C  "C2'" . DG  B 1 12 ? 20.301  -12.919 2.325   1.00 15.32  ? 24  DG  B "C2'" 1 
ATOM   477 C  "C1'" . DG  B 1 12 ? 19.222  -11.838 2.236   1.00 15.75  ? 24  DG  B "C1'" 1 
ATOM   478 N  N9    . DG  B 1 12 ? 19.689  -10.549 1.737   1.00 15.44  ? 24  DG  B N9    1 
ATOM   479 C  C8    . DG  B 1 12 ? 20.275  -9.547  2.474   1.00 14.55  ? 24  DG  B C8    1 
ATOM   480 N  N7    . DG  B 1 12 ? 20.538  -8.479  1.771   1.00 15.70  ? 24  DG  B N7    1 
ATOM   481 C  C5    . DG  B 1 12 ? 20.110  -8.799  0.488   1.00 15.37  ? 24  DG  B C5    1 
ATOM   482 C  C6    . DG  B 1 12 ? 20.129  -8.033  -0.703  1.00 14.13  ? 24  DG  B C6    1 
ATOM   483 O  O6    . DG  B 1 12 ? 20.518  -6.871  -0.862  1.00 15.59  ? 24  DG  B O6    1 
ATOM   484 N  N1    . DG  B 1 12 ? 19.624  -8.750  -1.785  1.00 13.53  ? 24  DG  B N1    1 
ATOM   485 C  C2    . DG  B 1 12 ? 19.156  -10.040 -1.730  1.00 11.04  ? 24  DG  B C2    1 
ATOM   486 N  N2    . DG  B 1 12 ? 18.738  -10.559 -2.892  1.00 13.40  ? 24  DG  B N2    1 
ATOM   487 N  N3    . DG  B 1 12 ? 19.110  -10.760 -0.618  1.00 12.67  ? 24  DG  B N3    1 
ATOM   488 C  C4    . DG  B 1 12 ? 19.602  -10.082 0.447   1.00 13.89  ? 24  DG  B C4    1 
HETATM 489 CO CO    . CO  C 2 .  ? -3.593  12.754  2.640   1.00 27.67  ? 13  CO  A CO    1 
HETATM 490 CO CO    . CO  D 2 .  ? -15.447 7.623   -5.163  1.00 36.34  ? 14  CO  A CO    1 
HETATM 491 MG MG    . MG  E 3 .  ? 4.040   -3.936  12.850  1.00 30.24  ? 15  MG  A MG    1 
HETATM 492 O  O1Y   . CMY F 4 .  ? -0.554  2.201   6.557   1.00 23.40  ? 108 CMY A O1Y   1 
HETATM 493 C  C1Y   . CMY F 4 .  ? -0.967  1.507   5.621   1.00 25.48  ? 108 CMY A C1Y   1 
HETATM 494 N  N1Y   . CMY F 4 .  ? -1.701  0.232   5.813   1.00 27.09  ? 108 CMY A N1Y   1 
HETATM 495 C  C2Y   . CMY F 4 .  ? -1.843  -0.055  7.259   1.00 32.27  ? 108 CMY A C2Y   1 
HETATM 496 C  C3Y   . CMY F 4 .  ? -2.604  -1.378  7.442   1.00 35.85  ? 108 CMY A C3Y   1 
HETATM 497 C  C4Y   . CMY F 4 .  ? -2.759  -1.689  8.947   1.00 37.46  ? 108 CMY A C4Y   1 
HETATM 498 C  C5Y   . CMY F 4 .  ? -3.550  -0.556  9.641   1.00 39.22  ? 108 CMY A C5Y   1 
HETATM 499 C  C6Y   . CMY F 4 .  ? -3.709  -0.859  11.147  1.00 39.17  ? 108 CMY A C6Y   1 
HETATM 500 C  C7Y   . CMY F 4 .  ? -4.473  -2.177  11.343  1.00 40.22  ? 108 CMY A C7Y   1 
HETATM 501 N  N2Y   . CMY F 4 .  ? -4.610  -2.437  12.779  1.00 40.90  ? 108 CMY A N2Y   1 
HETATM 502 CO CO    . CO  G 2 .  ? -9.960  6.327   4.201   1.00 39.77  ? 3   CO  B CO    1 
HETATM 503 O  O1Y   . CMY H 4 .  ? 8.512   0.467   -5.031  1.00 29.99  ? 120 CMY B O1Y   1 
HETATM 504 C  C1Y   . CMY H 4 .  ? 8.366   -0.467  -4.232  1.00 28.14  ? 120 CMY B C1Y   1 
HETATM 505 N  N1Y   . CMY H 4 .  ? 8.183   -1.880  -4.648  1.00 29.59  ? 120 CMY B N1Y   1 
HETATM 506 C  C2Y   . CMY H 4 .  ? 8.208   -1.997  -6.128  1.00 33.11  ? 120 CMY B C2Y   1 
HETATM 507 C  C3Y   . CMY H 4 .  ? 8.012   -3.476  -6.506  1.00 34.90  ? 120 CMY B C3Y   1 
HETATM 508 C  C4Y   . CMY H 4 .  ? 8.023   -3.756  -8.069  1.00 34.87  ? 120 CMY B C4Y   1 
HETATM 509 C  C5Y   . CMY H 4 .  ? 6.894   -3.030  -8.906  1.00 35.98  ? 120 CMY B C5Y   1 
HETATM 510 C  C6Y   . CMY H 4 .  ? 6.960   -1.497  -8.832  0.00 35.98  ? 120 CMY B C6Y   1 
HETATM 511 C  C7Y   . CMY H 4 .  ? 5.826   -0.916  -9.678  0.00 36.20  ? 120 CMY B C7Y   1 
HETATM 512 N  N2Y   . CMY H 4 .  ? 5.882   0.550   -9.613  0.00 36.29  ? 120 CMY B N2Y   1 
HETATM 513 O  O     . HOH I 5 .  ? -7.623  6.792   4.065   1.00 13.70  ? 109 HOH A O     1 
HETATM 514 O  O     . HOH I 5 .  ? 2.850   -5.191  11.384  1.00 40.66  ? 110 HOH A O     1 
HETATM 515 O  O     . HOH I 5 .  ? 2.797   -4.885  7.723   1.00 23.40  ? 111 HOH A O     1 
HETATM 516 O  O     . HOH I 5 .  ? 1.777   -0.270  8.780   1.00 20.52  ? 112 HOH A O     1 
HETATM 517 O  O     . HOH I 5 .  ? -17.392 -1.715  -10.105 1.00 20.86  ? 113 HOH A O     1 
HETATM 518 O  O     . HOH I 5 .  ? -2.647  2.508   -4.153  1.00 18.25  ? 114 HOH A O     1 
HETATM 519 O  O     . HOH I 5 .  ? -7.194  2.430   -4.767  1.00 17.89  ? 115 HOH A O     1 
HETATM 520 O  O     . HOH I 5 .  ? -13.994 -3.360  -10.724 1.00 26.53  ? 116 HOH A O     1 
HETATM 521 O  O     . HOH I 5 .  ? -5.643  9.822   -1.585  1.00 26.00  ? 117 HOH A O     1 
HETATM 522 O  O     . HOH I 5 .  ? -0.040  20.082  -8.280  1.00 23.59  ? 118 HOH A O     1 
HETATM 523 O  O     . HOH I 5 .  ? -16.304 -5.624  -9.739  1.00 21.46  ? 119 HOH A O     1 
HETATM 524 O  O     . HOH I 5 .  ? 9.300   -4.971  -3.991  1.00 27.61  ? 120 HOH A O     1 
HETATM 525 O  O     . HOH I 5 .  ? 11.508  -4.867  -6.193  1.00 28.56  ? 121 HOH A O     1 
HETATM 526 O  O     . HOH I 5 .  ? -4.305  3.627   5.342   1.00 26.69  ? 122 HOH A O     1 
HETATM 527 O  O     . HOH I 5 .  ? -3.892  13.768  -11.131 1.00 25.26  ? 123 HOH A O     1 
HETATM 528 O  O     . HOH I 5 .  ? 7.519   0.992   4.093   1.00 25.76  ? 124 HOH A O     1 
HETATM 529 O  O     . HOH I 5 .  ? -4.705  2.377   -6.010  1.00 25.74  ? 125 HOH A O     1 
HETATM 530 O  O     . HOH I 5 .  ? 2.731   -6.228  3.518   1.00 31.70  ? 126 HOH A O     1 
HETATM 531 O  O     . HOH I 5 .  ? 4.716   -1.946  13.735  1.00 30.38  ? 127 HOH A O     1 
HETATM 532 O  O     . HOH I 5 .  ? -0.211  7.131   -10.115 1.00 36.12  ? 128 HOH A O     1 
HETATM 533 O  O     . HOH I 5 .  ? -16.030 0.646   -11.180 1.00 24.96  ? 129 HOH A O     1 
HETATM 534 O  O     . HOH I 5 .  ? -14.808 2.466   -9.478  1.00 29.62  ? 130 HOH A O     1 
HETATM 535 O  O     . HOH I 5 .  ? 9.576   -2.940  5.832   1.00 31.77  ? 131 HOH A O     1 
HETATM 536 O  O     . HOH I 5 .  ? -17.655 -3.781  -11.714 1.00 33.90  ? 132 HOH A O     1 
HETATM 537 O  O     . HOH I 5 .  ? -7.082  14.845  5.444   1.00 24.44  ? 133 HOH A O     1 
HETATM 538 O  O     . HOH I 5 .  ? 2.651   -6.201  0.846   1.00 24.35  ? 134 HOH A O     1 
HETATM 539 O  O     . HOH I 5 .  ? -10.804 8.424   -1.515  1.00 28.36  ? 135 HOH A O     1 
HETATM 540 O  O     . HOH I 5 .  ? 4.349   3.381   1.022   1.00 28.09  ? 136 HOH A O     1 
HETATM 541 O  O     . HOH I 5 .  ? 4.849   -4.803  14.527  1.00 26.22  ? 137 HOH A O     1 
HETATM 542 O  O     . HOH I 5 .  ? -3.197  11.829  0.741   1.00 25.83  ? 138 HOH A O     1 
HETATM 543 O  O     . HOH I 5 .  ? 3.644   -2.683  11.357  1.00 25.34  ? 139 HOH A O     1 
HETATM 544 O  O     . HOH I 5 .  ? 5.999   -3.822  12.219  1.00 30.11  ? 140 HOH A O     1 
HETATM 545 O  O     . HOH I 5 .  ? -5.973  5.073   3.652   1.00 34.70  ? 141 HOH A O     1 
HETATM 546 O  O     . HOH I 5 .  ? -17.013 6.164   -3.562  1.00 33.16  ? 142 HOH A O     1 
HETATM 547 O  O     . HOH I 5 .  ? -11.504 8.361   -5.503  1.00 27.93  ? 143 HOH A O     1 
HETATM 548 O  O     . HOH I 5 .  ? 5.004   -7.555  -0.189  1.00 36.47  ? 144 HOH A O     1 
HETATM 549 O  O     . HOH I 5 .  ? -5.437  7.558   2.099   1.00 45.80  ? 145 HOH A O     1 
HETATM 550 O  O     . HOH I 5 .  ? -15.878 9.660   -5.410  1.00 32.75  ? 146 HOH A O     1 
HETATM 551 O  O     . HOH I 5 .  ? 3.334   -8.632  4.807   1.00 29.18  ? 147 HOH A O     1 
HETATM 552 O  O     . HOH I 5 .  ? -0.734  9.025   -13.385 1.00 34.13  ? 148 HOH A O     1 
HETATM 553 O  O     . HOH I 5 .  ? -16.284 6.110   -9.264  1.00 42.72  ? 149 HOH A O     1 
HETATM 554 O  O     . HOH I 5 .  ? -5.189  11.575  4.073   1.00 50.48  ? 150 HOH A O     1 
HETATM 555 O  O     . HOH I 5 .  ? -3.936  19.870  -1.698  1.00 28.34  ? 151 HOH A O     1 
HETATM 556 O  O     . HOH I 5 .  ? -0.525  -4.545  3.453   1.00 31.47  ? 152 HOH A O     1 
HETATM 557 O  O     . HOH I 5 .  ? -19.084 6.801   -13.671 1.00 34.43  ? 153 HOH A O     1 
HETATM 558 O  O     . HOH I 5 .  ? -5.348  14.344  -0.781  1.00 40.91  ? 154 HOH A O     1 
HETATM 559 O  O     . HOH I 5 .  ? 0.524   6.164   -12.838 1.00 40.80  ? 155 HOH A O     1 
HETATM 560 O  O     . HOH I 5 .  ? -1.022  20.000  -2.862  1.00 57.40  ? 156 HOH A O     1 
HETATM 561 O  O     . HOH I 5 .  ? -3.966  13.937  4.359   1.00 27.30  ? 157 HOH A O     1 
HETATM 562 O  O     . HOH I 5 .  ? -12.516 9.669   -3.074  1.00 50.76  ? 158 HOH A O     1 
HETATM 563 O  O     . HOH I 5 .  ? -8.281  10.268  -1.779  1.00 41.21  ? 159 HOH A O     1 
HETATM 564 O  O     . HOH I 5 .  ? 3.839   8.132   -1.227  1.00 44.11  ? 160 HOH A O     1 
HETATM 565 O  O     . HOH I 5 .  ? -15.167 11.284  -3.558  1.00 31.44  ? 161 HOH A O     1 
HETATM 566 O  O     . HOH I 5 .  ? 11.154  -6.487  -8.248  1.00 36.19  ? 162 HOH A O     1 
HETATM 567 O  O     . HOH I 5 .  ? -2.028  5.864   4.165   1.00 37.58  ? 163 HOH A O     1 
HETATM 568 O  O     . HOH I 5 .  ? -6.368  9.738   -8.447  1.00 30.50  ? 164 HOH A O     1 
HETATM 569 O  O     . HOH I 5 .  ? -12.116 5.114   -10.614 1.00 32.71  ? 165 HOH A O     1 
HETATM 570 O  O     . HOH I 5 .  ? -7.758  12.291  4.256   1.00 43.81  ? 166 HOH A O     1 
HETATM 571 O  O     . HOH I 5 .  ? -7.573  11.015  -6.394  1.00 32.47  ? 167 HOH A O     1 
HETATM 572 O  O     . HOH I 5 .  ? 5.585   -10.692 -5.787  1.00 41.38  ? 168 HOH A O     1 
HETATM 573 O  O     . HOH I 5 .  ? -2.972  11.106  -12.892 1.00 28.13  ? 169 HOH A O     1 
HETATM 574 O  O     . HOH I 5 .  ? -15.831 -1.750  -15.015 1.00 35.12  ? 170 HOH A O     1 
HETATM 575 O  O     . HOH I 5 .  ? -9.137  10.042  -4.705  1.00 36.07  ? 171 HOH A O     1 
HETATM 576 O  O     . HOH I 5 .  ? -1.543  24.355  -5.145  1.00 51.43  ? 172 HOH A O     1 
HETATM 577 O  O     . HOH I 5 .  ? -4.129  3.334   -8.668  1.00 39.78  ? 173 HOH A O     1 
HETATM 578 O  O     . HOH I 5 .  ? -5.641  12.300  -4.443  1.00 32.38  ? 174 HOH A O     1 
HETATM 579 O  O     . HOH I 5 .  ? -5.272  5.862   -9.828  1.00 41.97  ? 175 HOH A O     1 
HETATM 580 O  O     . HOH I 5 .  ? 8.893   0.011   6.609   1.00 32.28  ? 176 HOH A O     1 
HETATM 581 O  O     . HOH I 5 .  ? -1.041  18.942  -5.389  1.00 50.69  ? 177 HOH A O     1 
HETATM 582 O  O     . HOH I 5 .  ? -2.452  12.300  6.553   1.00 34.68  ? 178 HOH A O     1 
HETATM 583 O  O     . HOH I 5 .  ? 2.065   -3.664  13.565  1.00 26.18  ? 179 HOH A O     1 
HETATM 584 O  O     . HOH I 5 .  ? -1.935  -2.642  4.598   1.00 44.33  ? 180 HOH A O     1 
HETATM 585 O  O     . HOH I 5 .  ? -4.552  13.983  -6.132  1.00 48.22  ? 181 HOH A O     1 
HETATM 586 O  O     . HOH I 5 .  ? -7.120  13.359  -2.640  1.00 43.21  ? 182 HOH A O     1 
HETATM 587 O  O     . HOH I 5 .  ? -5.088  8.304   5.611   1.00 42.91  ? 183 HOH A O     1 
HETATM 588 O  O     . HOH I 5 .  ? 4.543   -13.049 -3.735  1.00 45.87  ? 184 HOH A O     1 
HETATM 589 O  O     . HOH I 5 .  ? -14.370 -5.450  -12.395 1.00 48.10  ? 185 HOH A O     1 
HETATM 590 O  O     . HOH I 5 .  ? -4.414  22.802  -4.585  1.00 39.12  ? 186 HOH A O     1 
HETATM 591 O  O     . HOH I 5 .  ? -8.815  4.515   3.810   1.00 34.40  ? 187 HOH A O     1 
HETATM 592 O  O     . HOH I 5 .  ? 7.835   -8.347  -3.631  1.00 34.50  ? 188 HOH A O     1 
HETATM 593 O  O     . HOH I 5 .  ? -8.937  6.476   1.813   1.00 55.99  ? 189 HOH A O     1 
HETATM 594 O  O     . HOH I 5 .  ? -5.755  22.430  -2.330  1.00 43.06  ? 190 HOH A O     1 
HETATM 595 O  O     . HOH I 5 .  ? -0.855  4.901   7.282   1.00 47.34  ? 191 HOH A O     1 
HETATM 596 O  O     . HOH I 5 .  ? -14.214 7.358   -3.544  1.00 31.46  ? 192 HOH A O     1 
HETATM 597 O  O     . HOH I 5 .  ? -16.013 5.608   -14.064 1.00 63.11  ? 193 HOH A O     1 
HETATM 598 O  O     . HOH I 5 .  ? -18.756 9.349   -7.137  1.00 77.96  ? 194 HOH A O     1 
HETATM 599 O  O     . HOH I 5 .  ? -1.869  11.563  -2.127  1.00 39.68  ? 195 HOH A O     1 
HETATM 600 O  O     . HOH I 5 .  ? -5.955  8.478   -12.543 1.00 47.99  ? 196 HOH A O     1 
HETATM 601 O  O     . HOH I 5 .  ? 8.999   -9.915  -5.425  1.00 38.63  ? 197 HOH A O     1 
HETATM 602 O  O     . HOH I 5 .  ? -12.414 6.980   -7.755  1.00 44.84  ? 198 HOH A O     1 
HETATM 603 O  O     . HOH I 5 .  ? -3.804  -4.453  7.268   1.00 49.05  ? 199 HOH A O     1 
HETATM 604 O  O     . HOH I 5 .  ? -7.522  10.026  6.250   1.00 39.55  ? 200 HOH A O     1 
HETATM 605 O  O     . HOH I 5 .  ? -6.692  12.023  8.510   1.00 71.38  ? 201 HOH A O     1 
HETATM 606 O  O     . HOH I 5 .  ? -14.523 6.028   -6.396  1.00 36.60  ? 202 HOH A O     1 
HETATM 607 O  O     . HOH I 5 .  ? -4.916  26.058  -4.313  1.00 39.78  ? 203 HOH A O     1 
HETATM 608 O  O     . HOH I 5 .  ? -9.670  8.751   7.308   1.00 48.00  ? 204 HOH A O     1 
HETATM 609 O  O     . HOH I 5 .  ? -14.548 -1.130  -12.774 1.00 38.79  ? 205 HOH A O     1 
HETATM 610 O  O     . HOH I 5 .  ? -16.153 -1.418  -17.570 1.00 65.79  ? 206 HOH A O     1 
HETATM 611 O  O     . HOH I 5 .  ? -14.575 8.793   -7.926  1.00 39.52  ? 207 HOH A O     1 
HETATM 612 O  O     . HOH I 5 .  ? -5.897  20.225  -3.776  1.00 41.59  ? 208 HOH A O     1 
HETATM 613 O  O     . HOH I 5 .  ? -3.110  15.298  -3.569  1.00 56.57  ? 209 HOH A O     1 
HETATM 614 O  O     . HOH I 5 .  ? -20.110 8.857   -9.910  1.00 43.71  ? 210 HOH A O     1 
HETATM 615 O  O     . HOH I 5 .  ? -2.696  22.066  -2.696  1.00 67.32  ? 211 HOH A O     1 
HETATM 616 O  O     . HOH I 5 .  ? -4.460  12.299  -2.111  1.00 97.14  ? 212 HOH A O     1 
HETATM 617 O  O     . HOH I 5 .  ? 6.552   -10.586 -2.446  1.00 37.83  ? 213 HOH A O     1 
HETATM 618 O  O     . HOH I 5 .  ? -16.520 10.563  -8.336  1.00 50.39  ? 214 HOH A O     1 
HETATM 619 O  O     . HOH I 5 .  ? -16.867 8.717   -2.782  1.00 58.00  ? 215 HOH A O     1 
HETATM 620 O  O     . HOH I 5 .  ? -17.659 12.974  -7.021  1.00 34.24  ? 216 HOH A O     1 
HETATM 621 O  O     . HOH I 5 .  ? -7.262  10.730  -11.189 1.00 52.86  ? 217 HOH A O     1 
HETATM 622 O  O     . HOH I 5 .  ? -12.268 8.703   7.895   1.00 52.64  ? 218 HOH A O     1 
HETATM 623 O  O     . HOH I 5 .  ? -5.163  12.666  6.481   1.00 46.15  ? 219 HOH A O     1 
HETATM 624 O  O     . HOH I 5 .  ? -1.585  7.435   -7.101  1.00 60.42  ? 220 HOH A O     1 
HETATM 625 O  O     . HOH I 5 .  ? -14.069 4.840   -8.840  1.00 52.32  ? 221 HOH A O     1 
HETATM 626 O  O     . HOH I 5 .  ? -8.455  19.564  -4.500  1.00 50.08  ? 222 HOH A O     1 
HETATM 627 O  O     . HOH I 5 .  ? 5.899   3.086   3.223   1.00 62.50  ? 223 HOH A O     1 
HETATM 628 O  O     . HOH I 5 .  ? -0.654  15.131  -4.572  1.00 38.71  ? 224 HOH A O     1 
HETATM 629 O  O     . HOH I 5 .  ? 7.430   -12.432 -4.826  1.00 42.93  ? 225 HOH A O     1 
HETATM 630 O  O     . HOH I 5 .  ? -1.546  -4.945  5.842   1.00 46.20  ? 226 HOH A O     1 
HETATM 631 O  O     . HOH I 5 .  ? -17.094 7.567   -6.224  1.00 35.04  ? 227 HOH A O     1 
HETATM 632 O  O     . HOH I 5 .  ? -4.116  16.908  -1.098  1.00 46.29  ? 228 HOH A O     1 
HETATM 633 O  O     . HOH I 5 .  ? -15.051 6.572   -11.761 1.00 47.08  ? 229 HOH A O     1 
HETATM 634 O  O     . HOH I 5 .  ? -8.736  16.303  -2.861  1.00 41.74  ? 230 HOH A O     1 
HETATM 635 O  O     . HOH I 5 .  ? 1.505   -3.110  9.448   1.00 23.10  ? 231 HOH A O     1 
HETATM 636 O  O     . HOH I 5 .  ? 14.122  -6.852  -8.629  1.00 29.75  ? 232 HOH A O     1 
HETATM 637 O  O     . HOH I 5 .  ? -4.565  -4.110  14.775  1.00 34.34  ? 233 HOH A O     1 
HETATM 638 O  O     . HOH I 5 .  ? -6.731  17.839  -1.867  1.00 41.39  ? 234 HOH A O     1 
HETATM 639 O  O     . HOH I 5 .  ? 6.325   -0.158  12.887  1.00 27.08  ? 235 HOH A O     1 
HETATM 640 O  O     . HOH I 5 .  ? 0.688   -6.113  6.533   1.00 37.65  ? 236 HOH A O     1 
HETATM 641 O  O     . HOH I 5 .  ? -5.061  13.989  -8.813  1.00 70.43  ? 237 HOH A O     1 
HETATM 642 O  O     . HOH I 5 .  ? 7.813   -2.053  12.227  1.00 35.47  ? 238 HOH A O     1 
HETATM 643 O  O     . HOH I 5 .  ? -12.884 0.828   -13.355 1.00 39.60  ? 239 HOH A O     1 
HETATM 644 O  O     . HOH I 5 .  ? -13.658 12.151  -6.091  1.00 34.38  ? 240 HOH A O     1 
HETATM 645 O  O     . HOH I 5 .  ? -5.371  13.126  1.992   1.00 23.79  ? 241 HOH A O     1 
HETATM 646 O  O     . HOH I 5 .  ? -1.076  9.444   -10.688 1.00 31.85  ? 242 HOH A O     1 
HETATM 647 O  O     . HOH I 5 .  ? -16.099 -7.456  -12.446 1.00 51.92  ? 243 HOH A O     1 
HETATM 648 O  O     . HOH I 5 .  ? -11.397 7.367   -11.688 1.00 39.30  ? 244 HOH A O     1 
HETATM 649 O  O     . HOH I 5 .  ? 4.399   5.971   3.492   1.00 53.61  ? 245 HOH A O     1 
HETATM 650 O  O     . HOH I 5 .  ? 8.063   3.639   5.863   1.00 47.01  ? 246 HOH A O     1 
HETATM 651 O  O     . HOH I 5 .  ? -9.533  11.681  6.308   1.00 43.53  ? 247 HOH A O     1 
HETATM 652 O  O     . HOH I 5 .  ? -13.073 3.890   -13.292 1.00 49.49  ? 248 HOH A O     1 
HETATM 653 O  O     . HOH I 5 .  ? -19.073 11.408  -8.690  1.00 52.26  ? 249 HOH A O     1 
HETATM 654 O  O     . HOH I 5 .  ? 7.660   5.791   7.591   1.00 41.38  ? 250 HOH A O     1 
HETATM 655 O  O     . HOH I 5 .  ? -5.915  2.372   -10.492 1.00 39.30  ? 251 HOH A O     1 
HETATM 656 O  O     . HOH I 5 .  ? 11.358  -5.133  -10.883 1.00 51.57  ? 252 HOH A O     1 
HETATM 657 O  O     . HOH I 5 .  ? 4.035   -8.698  2.330   1.00 45.33  ? 253 HOH A O     1 
HETATM 658 O  O     . HOH I 5 .  ? -2.281  9.878   5.688   1.00 50.31  ? 254 HOH A O     1 
HETATM 659 O  O     . HOH J 5 .  ? 0.920   -4.953  -3.503  1.00 26.56  ? 121 HOH B O     1 
HETATM 660 O  O     . HOH J 5 .  ? 12.366  9.514   -0.596  1.00 18.54  ? 122 HOH B O     1 
HETATM 661 O  O     . HOH J 5 .  ? 12.355  -2.730  5.333   1.00 25.12  ? 123 HOH B O     1 
HETATM 662 O  O     . HOH J 5 .  ? -6.412  0.185   -6.757  1.00 23.79  ? 124 HOH B O     1 
HETATM 663 O  O     . HOH J 5 .  ? -15.968 -8.499  6.273   1.00 21.83  ? 125 HOH B O     1 
HETATM 664 O  O     . HOH J 5 .  ? -18.822 -0.250  11.139  1.00 23.06  ? 126 HOH B O     1 
HETATM 665 O  O     . HOH J 5 .  ? 0.701   3.629   -2.412  1.00 27.43  ? 127 HOH B O     1 
HETATM 666 O  O     . HOH J 5 .  ? -1.912  -5.974  -0.594  1.00 26.13  ? 128 HOH B O     1 
HETATM 667 O  O     . HOH J 5 .  ? -0.812  -6.142  -5.376  1.00 24.51  ? 129 HOH B O     1 
HETATM 668 O  O     . HOH J 5 .  ? 12.047  -0.973  -4.302  1.00 27.75  ? 130 HOH B O     1 
HETATM 669 O  O     . HOH J 5 .  ? 0.687   -5.469  -0.838  1.00 29.38  ? 131 HOH B O     1 
HETATM 670 O  O     . HOH J 5 .  ? -14.436 -3.109  9.883   1.00 33.95  ? 132 HOH B O     1 
HETATM 671 O  O     . HOH J 5 .  ? -7.774  -4.794  5.498   1.00 24.66  ? 133 HOH B O     1 
HETATM 672 O  O     . HOH J 5 .  ? -13.366 12.156  10.387  1.00 33.91  ? 134 HOH B O     1 
HETATM 673 O  O     . HOH J 5 .  ? -6.875  -0.730  -9.483  1.00 27.72  ? 135 HOH B O     1 
HETATM 674 O  O     . HOH J 5 .  ? 19.562  -1.950  0.584   1.00 28.47  ? 136 HOH B O     1 
HETATM 675 O  O     . HOH J 5 .  ? -4.727  -1.323  4.285   1.00 22.45  ? 137 HOH B O     1 
HETATM 676 O  O     . HOH J 5 .  ? -2.395  -4.940  1.669   1.00 35.57  ? 138 HOH B O     1 
HETATM 677 O  O     . HOH J 5 .  ? -7.955  -7.410  4.450   1.00 33.48  ? 139 HOH B O     1 
HETATM 678 O  O     . HOH J 5 .  ? -5.706  -3.480  -9.952  1.00 50.05  ? 140 HOH B O     1 
HETATM 679 O  O     . HOH J 5 .  ? 13.004  7.954   1.036   1.00 29.20  ? 141 HOH B O     1 
HETATM 680 O  O     . HOH J 5 .  ? -18.591 -0.578  8.627   1.00 30.28  ? 142 HOH B O     1 
HETATM 681 O  O     . HOH J 5 .  ? -14.376 -6.555  4.626   1.00 34.55  ? 143 HOH B O     1 
HETATM 682 O  O     . HOH J 5 .  ? -11.858 1.386   7.647   1.00 35.84  ? 144 HOH B O     1 
HETATM 683 O  O     . HOH J 5 .  ? -20.265 6.358   7.753   1.00 35.99  ? 145 HOH B O     1 
HETATM 684 O  O     . HOH J 5 .  ? 10.190  6.683   1.893   1.00 36.00  ? 146 HOH B O     1 
HETATM 685 O  O     . HOH J 5 .  ? -5.847  -4.119  3.607   1.00 26.87  ? 147 HOH B O     1 
HETATM 686 O  O     . HOH J 5 .  ? -16.191 7.908   5.046   1.00 28.79  ? 148 HOH B O     1 
HETATM 687 O  O     . HOH J 5 .  ? -18.522 5.079   3.862   1.00 44.64  ? 149 HOH B O     1 
HETATM 688 O  O     . HOH J 5 .  ? -17.854 5.065   1.334   1.00 41.46  ? 150 HOH B O     1 
HETATM 689 O  O     . HOH J 5 .  ? 0.335   -9.131  -4.024  1.00 47.55  ? 151 HOH B O     1 
HETATM 690 O  O     . HOH J 5 .  ? -17.873 9.713   6.664   1.00 36.44  ? 152 HOH B O     1 
HETATM 691 O  O     . HOH J 5 .  ? -14.781 9.586   3.379   1.00 31.26  ? 153 HOH B O     1 
HETATM 692 O  O     . HOH J 5 .  ? -14.500 8.606   9.793   1.00 49.65  ? 154 HOH B O     1 
HETATM 693 O  O     . HOH J 5 .  ? -17.748 8.788   9.049   1.00 35.60  ? 155 HOH B O     1 
HETATM 694 O  O     . HOH J 5 .  ? -4.664  -0.343  -10.951 1.00 66.52  ? 156 HOH B O     1 
HETATM 695 O  O     . HOH J 5 .  ? -18.181 7.033   -0.364  1.00 62.56  ? 157 HOH B O     1 
HETATM 696 O  O     . HOH J 5 .  ? 7.636   1.571   -7.197  1.00 30.73  ? 158 HOH B O     1 
HETATM 697 O  O     . HOH J 5 .  ? -14.353 6.582   6.474   1.00 44.50  ? 159 HOH B O     1 
HETATM 698 O  O     . HOH J 5 .  ? -4.733  -7.468  1.260   1.00 38.79  ? 160 HOH B O     1 
HETATM 699 O  O     . HOH J 5 .  ? 3.876   -5.009  -3.492  1.00 31.55  ? 161 HOH B O     1 
HETATM 700 O  O     . HOH J 5 .  ? -11.963 8.196   1.113   1.00 29.98  ? 162 HOH B O     1 
HETATM 701 O  O     . HOH J 5 .  ? -6.754  0.577   10.721  1.00 72.52  ? 163 HOH B O     1 
HETATM 702 O  O     . HOH J 5 .  ? -18.588 1.839   9.788   1.00 36.08  ? 164 HOH B O     1 
HETATM 703 O  O     . HOH J 5 .  ? 9.646   3.814   -6.510  1.00 48.13  ? 165 HOH B O     1 
HETATM 704 O  O     . HOH J 5 .  ? -17.361 9.937   4.160   1.00 55.95  ? 166 HOH B O     1 
HETATM 705 O  O     . HOH J 5 .  ? -21.206 0.520   10.765  1.00 37.19  ? 167 HOH B O     1 
HETATM 706 O  O     . HOH J 5 .  ? -10.696 -8.798  5.833   1.00 53.01  ? 168 HOH B O     1 
HETATM 707 O  O     . HOH J 5 .  ? -11.765 -2.167  14.426  1.00 43.34  ? 169 HOH B O     1 
HETATM 708 O  O     . HOH J 5 .  ? -20.713 6.891   -1.163  1.00 60.92  ? 170 HOH B O     1 
HETATM 709 O  O     . HOH J 5 .  ? -9.632  -3.591  13.606  1.00 39.99  ? 171 HOH B O     1 
HETATM 710 O  O     . HOH J 5 .  ? -22.975 2.718   3.307   1.00 48.78  ? 172 HOH B O     1 
HETATM 711 O  O     . HOH J 5 .  ? -12.485 5.949   4.784   1.00 53.40  ? 173 HOH B O     1 
HETATM 712 O  O     . HOH J 5 .  ? -11.104 1.105   10.938  1.00 45.82  ? 174 HOH B O     1 
HETATM 713 O  O     . HOH J 5 .  ? 9.995   0.052   4.294   1.00 37.07  ? 175 HOH B O     1 
HETATM 714 O  O     . HOH J 5 .  ? -4.598  -6.778  3.680   1.00 31.86  ? 176 HOH B O     1 
HETATM 715 O  O     . HOH J 5 .  ? -21.686 -1.988  11.363  1.00 57.54  ? 177 HOH B O     1 
HETATM 716 O  O     . HOH J 5 .  ? -17.190 6.290   9.610   1.00 50.23  ? 178 HOH B O     1 
HETATM 717 O  O     . HOH J 5 .  ? 2.416   -10.059 -2.601  1.00 41.12  ? 179 HOH B O     1 
HETATM 718 O  O     . HOH J 5 .  ? -19.247 -2.505  12.278  1.00 52.25  ? 180 HOH B O     1 
HETATM 719 O  O     . HOH J 5 .  ? -10.756 8.478   3.571   1.00 58.10  ? 181 HOH B O     1 
HETATM 720 O  O     . HOH J 5 .  ? -11.430 6.145   2.458   1.00 30.82  ? 182 HOH B O     1 
HETATM 721 O  O     . HOH J 5 .  ? -14.097 5.093   8.658   1.00 47.89  ? 183 HOH B O     1 
HETATM 722 O  O     . HOH J 5 .  ? -17.194 11.987  7.904   1.00 25.88  ? 184 HOH B O     1 
HETATM 723 O  O     . HOH J 5 .  ? -20.736 3.654   4.305   1.00 47.90  ? 185 HOH B O     1 
HETATM 724 O  O     . HOH J 5 .  ? -15.567 13.847  7.588   1.00 32.26  ? 186 HOH B O     1 
HETATM 725 O  O     . HOH J 5 .  ? -15.958 -2.083  13.345  1.00 45.63  ? 187 HOH B O     1 
HETATM 726 O  O     . HOH J 5 .  ? -16.226 2.963   10.183  1.00 46.25  ? 188 HOH B O     1 
HETATM 727 O  O     . HOH J 5 .  ? -14.165 10.811  8.271   1.00 26.32  ? 189 HOH B O     1 
HETATM 728 O  O     . HOH J 5 .  ? -12.508 10.220  4.579   1.00 59.88  ? 190 HOH B O     1 
HETATM 729 O  O     . HOH J 5 .  ? -17.518 12.050  5.529   1.00 44.83  ? 191 HOH B O     1 
HETATM 730 O  O     . HOH J 5 .  ? -19.069 4.421   9.349   1.00 85.18  ? 192 HOH B O     1 
HETATM 731 O  O     . HOH J 5 .  ? -9.483  -1.623  7.250   1.00 36.77  ? 193 HOH B O     1 
HETATM 732 O  O     . HOH J 5 .  ? -9.454  -1.036  11.548  1.00 43.18  ? 194 HOH B O     1 
HETATM 733 O  O     . HOH J 5 .  ? -17.990 7.646   11.613  1.00 118.65 ? 195 HOH B O     1 
HETATM 734 O  O     . HOH J 5 .  ? -11.491 5.914   7.945   1.00 48.66  ? 196 HOH B O     1 
HETATM 735 O  O     . HOH J 5 .  ? -15.612 8.739   7.478   1.00 71.34  ? 197 HOH B O     1 
HETATM 736 O  O     . HOH J 5 .  ? -12.273 -7.580  8.119   1.00 29.94  ? 198 HOH B O     1 
HETATM 737 O  O     . HOH J 5 .  ? -7.285  3.836   8.168   1.00 66.34  ? 199 HOH B O     1 
HETATM 738 O  O     . HOH J 5 .  ? -9.325  3.273   9.776   1.00 39.60  ? 200 HOH B O     1 
HETATM 739 O  O     . HOH J 5 .  ? -14.188 -5.268  7.808   1.00 40.92  ? 201 HOH B O     1 
HETATM 740 O  O     . HOH J 5 .  ? -6.107  0.281   6.045   1.00 25.40  ? 202 HOH B O     1 
HETATM 741 O  O     . HOH J 5 .  ? -10.806 -6.871  9.847   1.00 22.28  ? 203 HOH B O     1 
HETATM 742 O  O     . HOH J 5 .  ? 5.069   1.106   -7.185  1.00 28.73  ? 204 HOH B O     1 
HETATM 743 O  O     . HOH J 5 .  ? 4.289   -10.353 -0.734  1.00 32.96  ? 205 HOH B O     1 
HETATM 744 O  O     . HOH J 5 .  ? -21.498 8.716   7.562   1.00 38.32  ? 206 HOH B O     1 
HETATM 745 O  O     . HOH J 5 .  ? -19.427 -4.576  13.880  1.00 52.68  ? 207 HOH B O     1 
HETATM 746 O  O     . HOH J 5 .  ? 16.507  -2.980  10.062  1.00 47.47  ? 208 HOH B O     1 
HETATM 747 O  O     . HOH J 5 .  ? -13.295 -8.356  5.995   1.00 44.09  ? 209 HOH B O     1 
HETATM 748 O  O     . HOH J 5 .  ? 22.194  -2.758  7.972   1.00 42.11  ? 210 HOH B O     1 
# 
loop_
_pdbx_poly_seq_scheme.asym_id 
_pdbx_poly_seq_scheme.entity_id 
_pdbx_poly_seq_scheme.seq_id 
_pdbx_poly_seq_scheme.mon_id 
_pdbx_poly_seq_scheme.ndb_seq_num 
_pdbx_poly_seq_scheme.pdb_seq_num 
_pdbx_poly_seq_scheme.auth_seq_num 
_pdbx_poly_seq_scheme.pdb_mon_id 
_pdbx_poly_seq_scheme.auth_mon_id 
_pdbx_poly_seq_scheme.pdb_strand_id 
_pdbx_poly_seq_scheme.pdb_ins_code 
_pdbx_poly_seq_scheme.hetero 
A 1 1  DC  1  1  1  DC  CYT A . n 
A 1 2  DG  2  2  2  DG  GUA A . n 
A 1 3  DC  3  3  3  DC  CYT A . n 
A 1 4  DG  4  4  4  DG  GUA A . n 
A 1 5  DA  5  5  5  DA  ADE A . n 
A 1 6  DA  6  6  6  DA  ADE A . n 
A 1 7  DT  7  7  7  DT  THY A . n 
A 1 8  OMU 8  8  8  OMU THY A . n 
A 1 9  DC  9  9  9  DC  CYT A . n 
A 1 10 DG  10 10 10 DG  GUA A . n 
A 1 11 DC  11 11 11 DC  CYT A . n 
A 1 12 DG  12 12 12 DG  GUA A . n 
B 1 1  DC  1  13 13 DC  CYT B . n 
B 1 2  DG  2  14 14 DG  GUA B . n 
B 1 3  DC  3  15 15 DC  CYT B . n 
B 1 4  DG  4  16 16 DG  GUA B . n 
B 1 5  DA  5  17 17 DA  ADE B . n 
B 1 6  DA  6  18 18 DA  ADE B . n 
B 1 7  DT  7  19 19 DT  THY B . n 
B 1 8  OMU 8  20 20 OMU THY B . n 
B 1 9  DC  9  21 21 DC  CYT B . n 
B 1 10 DG  10 22 22 DG  GUA B . n 
B 1 11 DC  11 23 23 DC  CYT B . n 
B 1 12 DG  12 24 24 DG  GUA B . n 
# 
loop_
_pdbx_nonpoly_scheme.asym_id 
_pdbx_nonpoly_scheme.entity_id 
_pdbx_nonpoly_scheme.mon_id 
_pdbx_nonpoly_scheme.ndb_seq_num 
_pdbx_nonpoly_scheme.pdb_seq_num 
_pdbx_nonpoly_scheme.auth_seq_num 
_pdbx_nonpoly_scheme.pdb_mon_id 
_pdbx_nonpoly_scheme.auth_mon_id 
_pdbx_nonpoly_scheme.pdb_strand_id 
_pdbx_nonpoly_scheme.pdb_ins_code 
C 2 CO  1   13  1   CO  CO2 A . 
D 2 CO  1   14  2   CO  CO2 A . 
E 3 MG  1   15  4   MG  MG2 A . 
F 4 CMY 1   108 8   CMY THY A . 
G 2 CO  1   3   3   CO  CO2 B . 
H 4 CMY 1   120 20  CMY THY B . 
I 5 HOH 1   109 5   HOH HOH A . 
I 5 HOH 2   110 6   HOH HOH A . 
I 5 HOH 3   111 7   HOH HOH A . 
I 5 HOH 4   112 10  HOH HOH A . 
I 5 HOH 5   113 11  HOH HOH A . 
I 5 HOH 6   114 12  HOH HOH A . 
I 5 HOH 7   115 15  HOH HOH A . 
I 5 HOH 8   116 16  HOH HOH A . 
I 5 HOH 9   117 17  HOH HOH A . 
I 5 HOH 10  118 20  HOH HOH A . 
I 5 HOH 11  119 22  HOH HOH A . 
I 5 HOH 12  120 23  HOH HOH A . 
I 5 HOH 13  121 25  HOH HOH A . 
I 5 HOH 14  122 26  HOH HOH A . 
I 5 HOH 15  123 27  HOH HOH A . 
I 5 HOH 16  124 30  HOH HOH A . 
I 5 HOH 17  125 32  HOH HOH A . 
I 5 HOH 18  126 34  HOH HOH A . 
I 5 HOH 19  127 38  HOH HOH A . 
I 5 HOH 20  128 39  HOH HOH A . 
I 5 HOH 21  129 40  HOH HOH A . 
I 5 HOH 22  130 41  HOH HOH A . 
I 5 HOH 23  131 42  HOH HOH A . 
I 5 HOH 24  132 44  HOH HOH A . 
I 5 HOH 25  133 46  HOH HOH A . 
I 5 HOH 26  134 47  HOH HOH A . 
I 5 HOH 27  135 51  HOH HOH A . 
I 5 HOH 28  136 52  HOH HOH A . 
I 5 HOH 29  137 54  HOH HOH A . 
I 5 HOH 30  138 55  HOH HOH A . 
I 5 HOH 31  139 56  HOH HOH A . 
I 5 HOH 32  140 57  HOH HOH A . 
I 5 HOH 33  141 59  HOH HOH A . 
I 5 HOH 34  142 60  HOH HOH A . 
I 5 HOH 35  143 62  HOH HOH A . 
I 5 HOH 36  144 66  HOH HOH A . 
I 5 HOH 37  145 73  HOH HOH A . 
I 5 HOH 38  146 83  HOH HOH A . 
I 5 HOH 39  147 84  HOH HOH A . 
I 5 HOH 40  148 92  HOH HOH A . 
I 5 HOH 41  149 94  HOH HOH A . 
I 5 HOH 42  150 95  HOH HOH A . 
I 5 HOH 43  151 96  HOH HOH A . 
I 5 HOH 44  152 97  HOH HOH A . 
I 5 HOH 45  153 98  HOH HOH A . 
I 5 HOH 46  154 99  HOH HOH A . 
I 5 HOH 47  155 100 HOH HOH A . 
I 5 HOH 48  156 101 HOH HOH A . 
I 5 HOH 49  157 104 HOH HOH A . 
I 5 HOH 50  158 106 HOH HOH A . 
I 5 HOH 51  159 107 HOH HOH A . 
I 5 HOH 52  160 108 HOH HOH A . 
I 5 HOH 53  161 109 HOH HOH A . 
I 5 HOH 54  162 110 HOH HOH A . 
I 5 HOH 55  163 111 HOH HOH A . 
I 5 HOH 56  164 112 HOH HOH A . 
I 5 HOH 57  165 114 HOH HOH A . 
I 5 HOH 58  166 115 HOH HOH A . 
I 5 HOH 59  167 116 HOH HOH A . 
I 5 HOH 60  168 121 HOH HOH A . 
I 5 HOH 61  169 122 HOH HOH A . 
I 5 HOH 62  170 123 HOH HOH A . 
I 5 HOH 63  171 124 HOH HOH A . 
I 5 HOH 64  172 125 HOH HOH A . 
I 5 HOH 65  173 127 HOH HOH A . 
I 5 HOH 66  174 129 HOH HOH A . 
I 5 HOH 67  175 130 HOH HOH A . 
I 5 HOH 68  176 131 HOH HOH A . 
I 5 HOH 69  177 133 HOH HOH A . 
I 5 HOH 70  178 135 HOH HOH A . 
I 5 HOH 71  179 136 HOH HOH A . 
I 5 HOH 72  180 137 HOH HOH A . 
I 5 HOH 73  181 139 HOH HOH A . 
I 5 HOH 74  182 140 HOH HOH A . 
I 5 HOH 75  183 142 HOH HOH A . 
I 5 HOH 76  184 143 HOH HOH A . 
I 5 HOH 77  185 145 HOH HOH A . 
I 5 HOH 78  186 147 HOH HOH A . 
I 5 HOH 79  187 148 HOH HOH A . 
I 5 HOH 80  188 149 HOH HOH A . 
I 5 HOH 81  189 150 HOH HOH A . 
I 5 HOH 82  190 153 HOH HOH A . 
I 5 HOH 83  191 154 HOH HOH A . 
I 5 HOH 84  192 155 HOH HOH A . 
I 5 HOH 85  193 156 HOH HOH A . 
I 5 HOH 86  194 158 HOH HOH A . 
I 5 HOH 87  195 161 HOH HOH A . 
I 5 HOH 88  196 164 HOH HOH A . 
I 5 HOH 89  197 165 HOH HOH A . 
I 5 HOH 90  198 167 HOH HOH A . 
I 5 HOH 91  199 171 HOH HOH A . 
I 5 HOH 92  200 173 HOH HOH A . 
I 5 HOH 93  201 174 HOH HOH A . 
I 5 HOH 94  202 175 HOH HOH A . 
I 5 HOH 95  203 176 HOH HOH A . 
I 5 HOH 96  204 177 HOH HOH A . 
I 5 HOH 97  205 178 HOH HOH A . 
I 5 HOH 98  206 179 HOH HOH A . 
I 5 HOH 99  207 180 HOH HOH A . 
I 5 HOH 100 208 182 HOH HOH A . 
I 5 HOH 101 209 192 HOH HOH A . 
I 5 HOH 102 210 194 HOH HOH A . 
I 5 HOH 103 211 197 HOH HOH A . 
I 5 HOH 104 212 198 HOH HOH A . 
I 5 HOH 105 213 200 HOH HOH A . 
I 5 HOH 106 214 202 HOH HOH A . 
I 5 HOH 107 215 205 HOH HOH A . 
I 5 HOH 108 216 207 HOH HOH A . 
I 5 HOH 109 217 211 HOH HOH A . 
I 5 HOH 110 218 212 HOH HOH A . 
I 5 HOH 111 219 215 HOH HOH A . 
I 5 HOH 112 220 217 HOH HOH A . 
I 5 HOH 113 221 219 HOH HOH A . 
I 5 HOH 114 222 220 HOH HOH A . 
I 5 HOH 115 223 225 HOH HOH A . 
I 5 HOH 116 224 226 HOH HOH A . 
I 5 HOH 117 225 227 HOH HOH A . 
I 5 HOH 118 226 229 HOH HOH A . 
I 5 HOH 119 227 230 HOH HOH A . 
I 5 HOH 120 228 232 HOH HOH A . 
I 5 HOH 121 229 233 HOH HOH A . 
I 5 HOH 122 230 237 HOH HOH A . 
I 5 HOH 123 231 238 HOH HOH A . 
I 5 HOH 124 232 241 HOH HOH A . 
I 5 HOH 125 233 242 HOH HOH A . 
I 5 HOH 126 234 245 HOH HOH A . 
I 5 HOH 127 235 247 HOH HOH A . 
I 5 HOH 128 236 248 HOH HOH A . 
I 5 HOH 129 237 249 HOH HOH A . 
I 5 HOH 130 238 250 HOH HOH A . 
I 5 HOH 131 239 251 HOH HOH A . 
I 5 HOH 132 240 252 HOH HOH A . 
I 5 HOH 133 241 253 HOH HOH A . 
I 5 HOH 134 242 254 HOH HOH A . 
I 5 HOH 135 243 255 HOH HOH A . 
I 5 HOH 136 244 256 HOH HOH A . 
I 5 HOH 137 245 257 HOH HOH A . 
I 5 HOH 138 246 259 HOH HOH A . 
I 5 HOH 139 247 260 HOH HOH A . 
I 5 HOH 140 248 261 HOH HOH A . 
I 5 HOH 141 249 263 HOH HOH A . 
I 5 HOH 142 250 264 HOH HOH A . 
I 5 HOH 143 251 265 HOH HOH A . 
I 5 HOH 144 252 266 HOH HOH A . 
I 5 HOH 145 253 267 HOH HOH A . 
I 5 HOH 146 254 269 HOH HOH A . 
J 5 HOH 1   121 8   HOH HOH B . 
J 5 HOH 2   122 9   HOH HOH B . 
J 5 HOH 3   123 13  HOH HOH B . 
J 5 HOH 4   124 14  HOH HOH B . 
J 5 HOH 5   125 18  HOH HOH B . 
J 5 HOH 6   126 19  HOH HOH B . 
J 5 HOH 7   127 21  HOH HOH B . 
J 5 HOH 8   128 24  HOH HOH B . 
J 5 HOH 9   129 28  HOH HOH B . 
J 5 HOH 10  130 29  HOH HOH B . 
J 5 HOH 11  131 35  HOH HOH B . 
J 5 HOH 12  132 36  HOH HOH B . 
J 5 HOH 13  133 37  HOH HOH B . 
J 5 HOH 14  134 43  HOH HOH B . 
J 5 HOH 15  135 45  HOH HOH B . 
J 5 HOH 16  136 50  HOH HOH B . 
J 5 HOH 17  137 53  HOH HOH B . 
J 5 HOH 18  138 58  HOH HOH B . 
J 5 HOH 19  139 61  HOH HOH B . 
J 5 HOH 20  140 63  HOH HOH B . 
J 5 HOH 21  141 65  HOH HOH B . 
J 5 HOH 22  142 67  HOH HOH B . 
J 5 HOH 23  143 69  HOH HOH B . 
J 5 HOH 24  144 72  HOH HOH B . 
J 5 HOH 25  145 74  HOH HOH B . 
J 5 HOH 26  146 75  HOH HOH B . 
J 5 HOH 27  147 76  HOH HOH B . 
J 5 HOH 28  148 78  HOH HOH B . 
J 5 HOH 29  149 79  HOH HOH B . 
J 5 HOH 30  150 80  HOH HOH B . 
J 5 HOH 31  151 82  HOH HOH B . 
J 5 HOH 32  152 85  HOH HOH B . 
J 5 HOH 33  153 86  HOH HOH B . 
J 5 HOH 34  154 87  HOH HOH B . 
J 5 HOH 35  155 88  HOH HOH B . 
J 5 HOH 36  156 89  HOH HOH B . 
J 5 HOH 37  157 90  HOH HOH B . 
J 5 HOH 38  158 91  HOH HOH B . 
J 5 HOH 39  159 93  HOH HOH B . 
J 5 HOH 40  160 105 HOH HOH B . 
J 5 HOH 41  161 113 HOH HOH B . 
J 5 HOH 42  162 118 HOH HOH B . 
J 5 HOH 43  163 120 HOH HOH B . 
J 5 HOH 44  164 126 HOH HOH B . 
J 5 HOH 45  165 128 HOH HOH B . 
J 5 HOH 46  166 134 HOH HOH B . 
J 5 HOH 47  167 138 HOH HOH B . 
J 5 HOH 48  168 141 HOH HOH B . 
J 5 HOH 49  169 144 HOH HOH B . 
J 5 HOH 50  170 146 HOH HOH B . 
J 5 HOH 51  171 151 HOH HOH B . 
J 5 HOH 52  172 152 HOH HOH B . 
J 5 HOH 53  173 157 HOH HOH B . 
J 5 HOH 54  174 159 HOH HOH B . 
J 5 HOH 55  175 160 HOH HOH B . 
J 5 HOH 56  176 162 HOH HOH B . 
J 5 HOH 57  177 163 HOH HOH B . 
J 5 HOH 58  178 168 HOH HOH B . 
J 5 HOH 59  179 169 HOH HOH B . 
J 5 HOH 60  180 170 HOH HOH B . 
J 5 HOH 61  181 172 HOH HOH B . 
J 5 HOH 62  182 181 HOH HOH B . 
J 5 HOH 63  183 183 HOH HOH B . 
J 5 HOH 64  184 184 HOH HOH B . 
J 5 HOH 65  185 185 HOH HOH B . 
J 5 HOH 66  186 186 HOH HOH B . 
J 5 HOH 67  187 187 HOH HOH B . 
J 5 HOH 68  188 188 HOH HOH B . 
J 5 HOH 69  189 189 HOH HOH B . 
J 5 HOH 70  190 191 HOH HOH B . 
J 5 HOH 71  191 195 HOH HOH B . 
J 5 HOH 72  192 199 HOH HOH B . 
J 5 HOH 73  193 203 HOH HOH B . 
J 5 HOH 74  194 204 HOH HOH B . 
J 5 HOH 75  195 208 HOH HOH B . 
J 5 HOH 76  196 209 HOH HOH B . 
J 5 HOH 77  197 213 HOH HOH B . 
J 5 HOH 78  198 214 HOH HOH B . 
J 5 HOH 79  199 221 HOH HOH B . 
J 5 HOH 80  200 228 HOH HOH B . 
J 5 HOH 81  201 236 HOH HOH B . 
J 5 HOH 82  202 239 HOH HOH B . 
J 5 HOH 83  203 240 HOH HOH B . 
J 5 HOH 84  204 243 HOH HOH B . 
J 5 HOH 85  205 244 HOH HOH B . 
J 5 HOH 86  206 246 HOH HOH B . 
J 5 HOH 87  207 258 HOH HOH B . 
J 5 HOH 88  208 262 HOH HOH B . 
J 5 HOH 89  209 268 HOH HOH B . 
J 5 HOH 90  210 270 HOH HOH B . 
# 
loop_
_pdbx_struct_mod_residue.id 
_pdbx_struct_mod_residue.label_asym_id 
_pdbx_struct_mod_residue.label_comp_id 
_pdbx_struct_mod_residue.label_seq_id 
_pdbx_struct_mod_residue.auth_asym_id 
_pdbx_struct_mod_residue.auth_comp_id 
_pdbx_struct_mod_residue.auth_seq_id 
_pdbx_struct_mod_residue.PDB_ins_code 
_pdbx_struct_mod_residue.parent_comp_id 
_pdbx_struct_mod_residue.details 
1 A OMU 8 A OMU 8  ? U 
;O2'-METHYLURIDINE 5'-MONOPHOSPHATE
;
2 B OMU 8 B OMU 20 ? U 
;O2'-METHYLURIDINE 5'-MONOPHOSPHATE
;
# 
_pdbx_struct_assembly.id                   1 
_pdbx_struct_assembly.details              author_defined_assembly 
_pdbx_struct_assembly.method_details       ? 
_pdbx_struct_assembly.oligomeric_details   dimeric 
_pdbx_struct_assembly.oligomeric_count     2 
# 
_pdbx_struct_assembly_gen.assembly_id       1 
_pdbx_struct_assembly_gen.oper_expression   1 
_pdbx_struct_assembly_gen.asym_id_list      A,B,C,D,E,F,G,H,I,J 
# 
_pdbx_struct_oper_list.id                   1 
_pdbx_struct_oper_list.type                 'identity operation' 
_pdbx_struct_oper_list.name                 1_555 
_pdbx_struct_oper_list.symmetry_operation   x,y,z 
_pdbx_struct_oper_list.matrix[1][1]         1.0000000000 
_pdbx_struct_oper_list.matrix[1][2]         0.0000000000 
_pdbx_struct_oper_list.matrix[1][3]         0.0000000000 
_pdbx_struct_oper_list.vector[1]            0.0000000000 
_pdbx_struct_oper_list.matrix[2][1]         0.0000000000 
_pdbx_struct_oper_list.matrix[2][2]         1.0000000000 
_pdbx_struct_oper_list.matrix[2][3]         0.0000000000 
_pdbx_struct_oper_list.vector[2]            0.0000000000 
_pdbx_struct_oper_list.matrix[3][1]         0.0000000000 
_pdbx_struct_oper_list.matrix[3][2]         0.0000000000 
_pdbx_struct_oper_list.matrix[3][3]         1.0000000000 
_pdbx_struct_oper_list.vector[3]            0.0000000000 
# 
loop_
_pdbx_audit_revision_history.ordinal 
_pdbx_audit_revision_history.data_content_type 
_pdbx_audit_revision_history.major_revision 
_pdbx_audit_revision_history.minor_revision 
_pdbx_audit_revision_history.revision_date 
1 'Structure model' 1 0 2007-04-17 
2 'Structure model' 1 1 2007-12-26 
3 'Structure model' 1 2 2011-07-13 
4 'Structure model' 1 3 2023-10-25 
# 
_pdbx_audit_revision_details.ordinal             1 
_pdbx_audit_revision_details.revision_ordinal    1 
_pdbx_audit_revision_details.data_content_type   'Structure model' 
_pdbx_audit_revision_details.provider            repository 
_pdbx_audit_revision_details.type                'Initial release' 
_pdbx_audit_revision_details.description         ? 
_pdbx_audit_revision_details.details             ? 
# 
loop_
_pdbx_audit_revision_group.ordinal 
_pdbx_audit_revision_group.revision_ordinal 
_pdbx_audit_revision_group.data_content_type 
_pdbx_audit_revision_group.group 
1 2 'Structure model' 'Version format compliance' 
2 3 'Structure model' 'Version format compliance' 
3 4 'Structure model' 'Data collection'           
4 4 'Structure model' 'Database references'       
5 4 'Structure model' 'Derived calculations'      
6 4 'Structure model' 'Refinement description'    
# 
loop_
_pdbx_audit_revision_category.ordinal 
_pdbx_audit_revision_category.revision_ordinal 
_pdbx_audit_revision_category.data_content_type 
_pdbx_audit_revision_category.category 
1 4 'Structure model' chem_comp_atom                
2 4 'Structure model' chem_comp_bond                
3 4 'Structure model' database_2                    
4 4 'Structure model' pdbx_initial_refinement_model 
5 4 'Structure model' struct_conn                   
6 4 'Structure model' struct_ref_seq                
7 4 'Structure model' struct_site                   
# 
loop_
_pdbx_audit_revision_item.ordinal 
_pdbx_audit_revision_item.revision_ordinal 
_pdbx_audit_revision_item.data_content_type 
_pdbx_audit_revision_item.item 
1 4 'Structure model' '_database_2.pdbx_DOI'                
2 4 'Structure model' '_database_2.pdbx_database_accession' 
3 4 'Structure model' '_struct_conn.pdbx_leaving_atom_flag' 
4 4 'Structure model' '_struct_ref_seq.db_align_beg'        
5 4 'Structure model' '_struct_ref_seq.db_align_end'        
6 4 'Structure model' '_struct_site.pdbx_auth_asym_id'      
7 4 'Structure model' '_struct_site.pdbx_auth_comp_id'      
8 4 'Structure model' '_struct_site.pdbx_auth_seq_id'       
# 
loop_
_software.name 
_software.classification 
_software.version 
_software.citation_id 
_software.pdbx_ordinal 
DENZO     'data reduction' .   ? 1 
SCALEPACK 'data scaling'   .   ? 2 
AMoRE     phasing          .   ? 3 
CNS       refinement       1.1 ? 4 
# 
loop_
_pdbx_unobs_or_zero_occ_atoms.id 
_pdbx_unobs_or_zero_occ_atoms.PDB_model_num 
_pdbx_unobs_or_zero_occ_atoms.polymer_flag 
_pdbx_unobs_or_zero_occ_atoms.occupancy_flag 
_pdbx_unobs_or_zero_occ_atoms.auth_asym_id 
_pdbx_unobs_or_zero_occ_atoms.auth_comp_id 
_pdbx_unobs_or_zero_occ_atoms.auth_seq_id 
_pdbx_unobs_or_zero_occ_atoms.PDB_ins_code 
_pdbx_unobs_or_zero_occ_atoms.auth_atom_id 
_pdbx_unobs_or_zero_occ_atoms.label_alt_id 
_pdbx_unobs_or_zero_occ_atoms.label_asym_id 
_pdbx_unobs_or_zero_occ_atoms.label_comp_id 
_pdbx_unobs_or_zero_occ_atoms.label_seq_id 
_pdbx_unobs_or_zero_occ_atoms.label_atom_id 
1 1 N 0 B CMY 120 ? C6Y ? H CMY ? C6Y 
2 1 N 0 B CMY 120 ? C7Y ? H CMY ? C7Y 
3 1 N 0 B CMY 120 ? N2Y ? H CMY ? N2Y 
# 
loop_
_chem_comp_atom.comp_id 
_chem_comp_atom.atom_id 
_chem_comp_atom.type_symbol 
_chem_comp_atom.pdbx_aromatic_flag 
_chem_comp_atom.pdbx_stereo_config 
_chem_comp_atom.pdbx_ordinal 
CMY O1Y    O  N N 1   
CMY C1Y    C  N N 2   
CMY N1Y    N  N N 3   
CMY C2Y    C  N N 4   
CMY C3Y    C  N N 5   
CMY C4Y    C  N N 6   
CMY C5Y    C  N N 7   
CMY C6Y    C  N N 8   
CMY C7Y    C  N N 9   
CMY N2Y    N  N N 10  
CMY O1     O  N N 11  
CMY H1Y    H  N N 12  
CMY H1     H  N N 13  
CMY H2Y1   H  N N 14  
CMY H2Y2   H  N N 15  
CMY H3Y1   H  N N 16  
CMY H3Y2   H  N N 17  
CMY H4Y1   H  N N 18  
CMY H4Y2   H  N N 19  
CMY H5Y1   H  N N 20  
CMY H5Y2   H  N N 21  
CMY H6Y1   H  N N 22  
CMY H6Y2   H  N N 23  
CMY H7Y1   H  N N 24  
CMY H7Y2   H  N N 25  
CMY H11    H  N N 26  
CMY H12    H  N N 27  
CO  CO     CO N N 28  
DA  OP3    O  N N 29  
DA  P      P  N N 30  
DA  OP1    O  N N 31  
DA  OP2    O  N N 32  
DA  "O5'"  O  N N 33  
DA  "C5'"  C  N N 34  
DA  "C4'"  C  N R 35  
DA  "O4'"  O  N N 36  
DA  "C3'"  C  N S 37  
DA  "O3'"  O  N N 38  
DA  "C2'"  C  N N 39  
DA  "C1'"  C  N R 40  
DA  N9     N  Y N 41  
DA  C8     C  Y N 42  
DA  N7     N  Y N 43  
DA  C5     C  Y N 44  
DA  C6     C  Y N 45  
DA  N6     N  N N 46  
DA  N1     N  Y N 47  
DA  C2     C  Y N 48  
DA  N3     N  Y N 49  
DA  C4     C  Y N 50  
DA  HOP3   H  N N 51  
DA  HOP2   H  N N 52  
DA  "H5'"  H  N N 53  
DA  "H5''" H  N N 54  
DA  "H4'"  H  N N 55  
DA  "H3'"  H  N N 56  
DA  "HO3'" H  N N 57  
DA  "H2'"  H  N N 58  
DA  "H2''" H  N N 59  
DA  "H1'"  H  N N 60  
DA  H8     H  N N 61  
DA  H61    H  N N 62  
DA  H62    H  N N 63  
DA  H2     H  N N 64  
DC  OP3    O  N N 65  
DC  P      P  N N 66  
DC  OP1    O  N N 67  
DC  OP2    O  N N 68  
DC  "O5'"  O  N N 69  
DC  "C5'"  C  N N 70  
DC  "C4'"  C  N R 71  
DC  "O4'"  O  N N 72  
DC  "C3'"  C  N S 73  
DC  "O3'"  O  N N 74  
DC  "C2'"  C  N N 75  
DC  "C1'"  C  N R 76  
DC  N1     N  N N 77  
DC  C2     C  N N 78  
DC  O2     O  N N 79  
DC  N3     N  N N 80  
DC  C4     C  N N 81  
DC  N4     N  N N 82  
DC  C5     C  N N 83  
DC  C6     C  N N 84  
DC  HOP3   H  N N 85  
DC  HOP2   H  N N 86  
DC  "H5'"  H  N N 87  
DC  "H5''" H  N N 88  
DC  "H4'"  H  N N 89  
DC  "H3'"  H  N N 90  
DC  "HO3'" H  N N 91  
DC  "H2'"  H  N N 92  
DC  "H2''" H  N N 93  
DC  "H1'"  H  N N 94  
DC  H41    H  N N 95  
DC  H42    H  N N 96  
DC  H5     H  N N 97  
DC  H6     H  N N 98  
DG  OP3    O  N N 99  
DG  P      P  N N 100 
DG  OP1    O  N N 101 
DG  OP2    O  N N 102 
DG  "O5'"  O  N N 103 
DG  "C5'"  C  N N 104 
DG  "C4'"  C  N R 105 
DG  "O4'"  O  N N 106 
DG  "C3'"  C  N S 107 
DG  "O3'"  O  N N 108 
DG  "C2'"  C  N N 109 
DG  "C1'"  C  N R 110 
DG  N9     N  Y N 111 
DG  C8     C  Y N 112 
DG  N7     N  Y N 113 
DG  C5     C  Y N 114 
DG  C6     C  N N 115 
DG  O6     O  N N 116 
DG  N1     N  N N 117 
DG  C2     C  N N 118 
DG  N2     N  N N 119 
DG  N3     N  N N 120 
DG  C4     C  Y N 121 
DG  HOP3   H  N N 122 
DG  HOP2   H  N N 123 
DG  "H5'"  H  N N 124 
DG  "H5''" H  N N 125 
DG  "H4'"  H  N N 126 
DG  "H3'"  H  N N 127 
DG  "HO3'" H  N N 128 
DG  "H2'"  H  N N 129 
DG  "H2''" H  N N 130 
DG  "H1'"  H  N N 131 
DG  H8     H  N N 132 
DG  H1     H  N N 133 
DG  H21    H  N N 134 
DG  H22    H  N N 135 
DT  OP3    O  N N 136 
DT  P      P  N N 137 
DT  OP1    O  N N 138 
DT  OP2    O  N N 139 
DT  "O5'"  O  N N 140 
DT  "C5'"  C  N N 141 
DT  "C4'"  C  N R 142 
DT  "O4'"  O  N N 143 
DT  "C3'"  C  N S 144 
DT  "O3'"  O  N N 145 
DT  "C2'"  C  N N 146 
DT  "C1'"  C  N R 147 
DT  N1     N  N N 148 
DT  C2     C  N N 149 
DT  O2     O  N N 150 
DT  N3     N  N N 151 
DT  C4     C  N N 152 
DT  O4     O  N N 153 
DT  C5     C  N N 154 
DT  C7     C  N N 155 
DT  C6     C  N N 156 
DT  HOP3   H  N N 157 
DT  HOP2   H  N N 158 
DT  "H5'"  H  N N 159 
DT  "H5''" H  N N 160 
DT  "H4'"  H  N N 161 
DT  "H3'"  H  N N 162 
DT  "HO3'" H  N N 163 
DT  "H2'"  H  N N 164 
DT  "H2''" H  N N 165 
DT  "H1'"  H  N N 166 
DT  H3     H  N N 167 
DT  H71    H  N N 168 
DT  H72    H  N N 169 
DT  H73    H  N N 170 
DT  H6     H  N N 171 
HOH O      O  N N 172 
HOH H1     H  N N 173 
HOH H2     H  N N 174 
MG  MG     MG N N 175 
OMU N1     N  N N 176 
OMU C2     C  N N 177 
OMU N3     N  N N 178 
OMU C4     C  N N 179 
OMU C5     C  N N 180 
OMU C6     C  N N 181 
OMU O2     O  N N 182 
OMU O4     O  N N 183 
OMU "C1'"  C  N R 184 
OMU "C2'"  C  N R 185 
OMU "O2'"  O  N N 186 
OMU CM2    C  N N 187 
OMU "C3'"  C  N R 188 
OMU "C4'"  C  N R 189 
OMU "O3'"  O  N N 190 
OMU "O4'"  O  N N 191 
OMU "C5'"  C  N N 192 
OMU "O5'"  O  N N 193 
OMU P      P  N N 194 
OMU OP1    O  N N 195 
OMU OP2    O  N N 196 
OMU OP3    O  N N 197 
OMU HN3    H  N N 198 
OMU H5     H  N N 199 
OMU H6     H  N N 200 
OMU "H1'"  H  N N 201 
OMU "H2'"  H  N N 202 
OMU HM21   H  N N 203 
OMU HM22   H  N N 204 
OMU HM23   H  N N 205 
OMU "H3'"  H  N N 206 
OMU "H4'"  H  N N 207 
OMU "HO3'" H  N N 208 
OMU "H5'"  H  N N 209 
OMU "H5''" H  N N 210 
OMU HOP2   H  N N 211 
OMU HOP3   H  N N 212 
# 
loop_
_chem_comp_bond.comp_id 
_chem_comp_bond.atom_id_1 
_chem_comp_bond.atom_id_2 
_chem_comp_bond.value_order 
_chem_comp_bond.pdbx_aromatic_flag 
_chem_comp_bond.pdbx_stereo_config 
_chem_comp_bond.pdbx_ordinal 
CMY O1Y   C1Y    sing N N 1   
CMY O1Y   H1Y    sing N N 2   
CMY C1Y   N1Y    sing N N 3   
CMY C1Y   O1     doub N N 4   
CMY N1Y   C2Y    sing N N 5   
CMY N1Y   H1     sing N N 6   
CMY C2Y   C3Y    sing N N 7   
CMY C2Y   H2Y1   sing N N 8   
CMY C2Y   H2Y2   sing N N 9   
CMY C3Y   C4Y    sing N N 10  
CMY C3Y   H3Y1   sing N N 11  
CMY C3Y   H3Y2   sing N N 12  
CMY C4Y   C5Y    sing N N 13  
CMY C4Y   H4Y1   sing N N 14  
CMY C4Y   H4Y2   sing N N 15  
CMY C5Y   C6Y    sing N N 16  
CMY C5Y   H5Y1   sing N N 17  
CMY C5Y   H5Y2   sing N N 18  
CMY C6Y   C7Y    sing N N 19  
CMY C6Y   H6Y1   sing N N 20  
CMY C6Y   H6Y2   sing N N 21  
CMY C7Y   N2Y    sing N N 22  
CMY C7Y   H7Y1   sing N N 23  
CMY C7Y   H7Y2   sing N N 24  
CMY N2Y   H11    sing N N 25  
CMY N2Y   H12    sing N N 26  
DA  OP3   P      sing N N 27  
DA  OP3   HOP3   sing N N 28  
DA  P     OP1    doub N N 29  
DA  P     OP2    sing N N 30  
DA  P     "O5'"  sing N N 31  
DA  OP2   HOP2   sing N N 32  
DA  "O5'" "C5'"  sing N N 33  
DA  "C5'" "C4'"  sing N N 34  
DA  "C5'" "H5'"  sing N N 35  
DA  "C5'" "H5''" sing N N 36  
DA  "C4'" "O4'"  sing N N 37  
DA  "C4'" "C3'"  sing N N 38  
DA  "C4'" "H4'"  sing N N 39  
DA  "O4'" "C1'"  sing N N 40  
DA  "C3'" "O3'"  sing N N 41  
DA  "C3'" "C2'"  sing N N 42  
DA  "C3'" "H3'"  sing N N 43  
DA  "O3'" "HO3'" sing N N 44  
DA  "C2'" "C1'"  sing N N 45  
DA  "C2'" "H2'"  sing N N 46  
DA  "C2'" "H2''" sing N N 47  
DA  "C1'" N9     sing N N 48  
DA  "C1'" "H1'"  sing N N 49  
DA  N9    C8     sing Y N 50  
DA  N9    C4     sing Y N 51  
DA  C8    N7     doub Y N 52  
DA  C8    H8     sing N N 53  
DA  N7    C5     sing Y N 54  
DA  C5    C6     sing Y N 55  
DA  C5    C4     doub Y N 56  
DA  C6    N6     sing N N 57  
DA  C6    N1     doub Y N 58  
DA  N6    H61    sing N N 59  
DA  N6    H62    sing N N 60  
DA  N1    C2     sing Y N 61  
DA  C2    N3     doub Y N 62  
DA  C2    H2     sing N N 63  
DA  N3    C4     sing Y N 64  
DC  OP3   P      sing N N 65  
DC  OP3   HOP3   sing N N 66  
DC  P     OP1    doub N N 67  
DC  P     OP2    sing N N 68  
DC  P     "O5'"  sing N N 69  
DC  OP2   HOP2   sing N N 70  
DC  "O5'" "C5'"  sing N N 71  
DC  "C5'" "C4'"  sing N N 72  
DC  "C5'" "H5'"  sing N N 73  
DC  "C5'" "H5''" sing N N 74  
DC  "C4'" "O4'"  sing N N 75  
DC  "C4'" "C3'"  sing N N 76  
DC  "C4'" "H4'"  sing N N 77  
DC  "O4'" "C1'"  sing N N 78  
DC  "C3'" "O3'"  sing N N 79  
DC  "C3'" "C2'"  sing N N 80  
DC  "C3'" "H3'"  sing N N 81  
DC  "O3'" "HO3'" sing N N 82  
DC  "C2'" "C1'"  sing N N 83  
DC  "C2'" "H2'"  sing N N 84  
DC  "C2'" "H2''" sing N N 85  
DC  "C1'" N1     sing N N 86  
DC  "C1'" "H1'"  sing N N 87  
DC  N1    C2     sing N N 88  
DC  N1    C6     sing N N 89  
DC  C2    O2     doub N N 90  
DC  C2    N3     sing N N 91  
DC  N3    C4     doub N N 92  
DC  C4    N4     sing N N 93  
DC  C4    C5     sing N N 94  
DC  N4    H41    sing N N 95  
DC  N4    H42    sing N N 96  
DC  C5    C6     doub N N 97  
DC  C5    H5     sing N N 98  
DC  C6    H6     sing N N 99  
DG  OP3   P      sing N N 100 
DG  OP3   HOP3   sing N N 101 
DG  P     OP1    doub N N 102 
DG  P     OP2    sing N N 103 
DG  P     "O5'"  sing N N 104 
DG  OP2   HOP2   sing N N 105 
DG  "O5'" "C5'"  sing N N 106 
DG  "C5'" "C4'"  sing N N 107 
DG  "C5'" "H5'"  sing N N 108 
DG  "C5'" "H5''" sing N N 109 
DG  "C4'" "O4'"  sing N N 110 
DG  "C4'" "C3'"  sing N N 111 
DG  "C4'" "H4'"  sing N N 112 
DG  "O4'" "C1'"  sing N N 113 
DG  "C3'" "O3'"  sing N N 114 
DG  "C3'" "C2'"  sing N N 115 
DG  "C3'" "H3'"  sing N N 116 
DG  "O3'" "HO3'" sing N N 117 
DG  "C2'" "C1'"  sing N N 118 
DG  "C2'" "H2'"  sing N N 119 
DG  "C2'" "H2''" sing N N 120 
DG  "C1'" N9     sing N N 121 
DG  "C1'" "H1'"  sing N N 122 
DG  N9    C8     sing Y N 123 
DG  N9    C4     sing Y N 124 
DG  C8    N7     doub Y N 125 
DG  C8    H8     sing N N 126 
DG  N7    C5     sing Y N 127 
DG  C5    C6     sing N N 128 
DG  C5    C4     doub Y N 129 
DG  C6    O6     doub N N 130 
DG  C6    N1     sing N N 131 
DG  N1    C2     sing N N 132 
DG  N1    H1     sing N N 133 
DG  C2    N2     sing N N 134 
DG  C2    N3     doub N N 135 
DG  N2    H21    sing N N 136 
DG  N2    H22    sing N N 137 
DG  N3    C4     sing N N 138 
DT  OP3   P      sing N N 139 
DT  OP3   HOP3   sing N N 140 
DT  P     OP1    doub N N 141 
DT  P     OP2    sing N N 142 
DT  P     "O5'"  sing N N 143 
DT  OP2   HOP2   sing N N 144 
DT  "O5'" "C5'"  sing N N 145 
DT  "C5'" "C4'"  sing N N 146 
DT  "C5'" "H5'"  sing N N 147 
DT  "C5'" "H5''" sing N N 148 
DT  "C4'" "O4'"  sing N N 149 
DT  "C4'" "C3'"  sing N N 150 
DT  "C4'" "H4'"  sing N N 151 
DT  "O4'" "C1'"  sing N N 152 
DT  "C3'" "O3'"  sing N N 153 
DT  "C3'" "C2'"  sing N N 154 
DT  "C3'" "H3'"  sing N N 155 
DT  "O3'" "HO3'" sing N N 156 
DT  "C2'" "C1'"  sing N N 157 
DT  "C2'" "H2'"  sing N N 158 
DT  "C2'" "H2''" sing N N 159 
DT  "C1'" N1     sing N N 160 
DT  "C1'" "H1'"  sing N N 161 
DT  N1    C2     sing N N 162 
DT  N1    C6     sing N N 163 
DT  C2    O2     doub N N 164 
DT  C2    N3     sing N N 165 
DT  N3    C4     sing N N 166 
DT  N3    H3     sing N N 167 
DT  C4    O4     doub N N 168 
DT  C4    C5     sing N N 169 
DT  C5    C7     sing N N 170 
DT  C5    C6     doub N N 171 
DT  C7    H71    sing N N 172 
DT  C7    H72    sing N N 173 
DT  C7    H73    sing N N 174 
DT  C6    H6     sing N N 175 
HOH O     H1     sing N N 176 
HOH O     H2     sing N N 177 
OMU N1    C2     sing N N 178 
OMU N1    C6     sing N N 179 
OMU N1    "C1'"  sing N N 180 
OMU C2    N3     sing N N 181 
OMU C2    O2     doub N N 182 
OMU N3    C4     sing N N 183 
OMU N3    HN3    sing N N 184 
OMU C4    C5     sing N N 185 
OMU C4    O4     doub N N 186 
OMU C5    C6     doub N N 187 
OMU C5    H5     sing N N 188 
OMU C6    H6     sing N N 189 
OMU "C1'" "C2'"  sing N N 190 
OMU "C1'" "O4'"  sing N N 191 
OMU "C1'" "H1'"  sing N N 192 
OMU "C2'" "O2'"  sing N N 193 
OMU "C2'" "C3'"  sing N N 194 
OMU "C2'" "H2'"  sing N N 195 
OMU "O2'" CM2    sing N N 196 
OMU CM2   HM21   sing N N 197 
OMU CM2   HM22   sing N N 198 
OMU CM2   HM23   sing N N 199 
OMU "C3'" "C4'"  sing N N 200 
OMU "C3'" "O3'"  sing N N 201 
OMU "C3'" "H3'"  sing N N 202 
OMU "C4'" "O4'"  sing N N 203 
OMU "C4'" "C5'"  sing N N 204 
OMU "C4'" "H4'"  sing N N 205 
OMU "O3'" "HO3'" sing N N 206 
OMU "C5'" "O5'"  sing N N 207 
OMU "C5'" "H5'"  sing N N 208 
OMU "C5'" "H5''" sing N N 209 
OMU "O5'" P      sing N N 210 
OMU P     OP1    doub N N 211 
OMU P     OP2    sing N N 212 
OMU P     OP3    sing N N 213 
OMU OP2   HOP2   sing N N 214 
OMU OP3   HOP3   sing N N 215 
# 
loop_
_ndb_struct_conf_na.entry_id 
_ndb_struct_conf_na.feature 
2DPC 'double helix'        
2DPC 'b-form double helix' 
# 
loop_
_ndb_struct_na_base_pair.model_number 
_ndb_struct_na_base_pair.i_label_asym_id 
_ndb_struct_na_base_pair.i_label_comp_id 
_ndb_struct_na_base_pair.i_label_seq_id 
_ndb_struct_na_base_pair.i_symmetry 
_ndb_struct_na_base_pair.j_label_asym_id 
_ndb_struct_na_base_pair.j_label_comp_id 
_ndb_struct_na_base_pair.j_label_seq_id 
_ndb_struct_na_base_pair.j_symmetry 
_ndb_struct_na_base_pair.shear 
_ndb_struct_na_base_pair.stretch 
_ndb_struct_na_base_pair.stagger 
_ndb_struct_na_base_pair.buckle 
_ndb_struct_na_base_pair.propeller 
_ndb_struct_na_base_pair.opening 
_ndb_struct_na_base_pair.pair_number 
_ndb_struct_na_base_pair.pair_name 
_ndb_struct_na_base_pair.i_auth_asym_id 
_ndb_struct_na_base_pair.i_auth_seq_id 
_ndb_struct_na_base_pair.i_PDB_ins_code 
_ndb_struct_na_base_pair.j_auth_asym_id 
_ndb_struct_na_base_pair.j_auth_seq_id 
_ndb_struct_na_base_pair.j_PDB_ins_code 
_ndb_struct_na_base_pair.hbond_type_28 
_ndb_struct_na_base_pair.hbond_type_12 
1 A DC  1  1_555 B DG  12 1_555 0.214  -0.127 -0.024 4.326   -12.090 -2.370 1  A_DC1:DG24_B  A 1  ? B 24 ? 19 1 
1 A DG  2  1_555 B DC  11 1_555 -0.168 -0.187 0.463  7.672   -15.061 -2.229 2  A_DG2:DC23_B  A 2  ? B 23 ? 19 1 
1 A DC  3  1_555 B DG  10 1_555 0.044  -0.194 0.242  -7.771  -5.660  -1.066 3  A_DC3:DG22_B  A 3  ? B 22 ? 19 1 
1 A DG  4  1_555 B DC  9  1_555 -0.108 -0.079 -0.007 9.937   -4.908  -3.299 4  A_DG4:DC21_B  A 4  ? B 21 ? 19 1 
1 A DA  5  1_555 B OMU 8  1_555 0.199  -0.083 0.181  8.195   -18.187 -3.606 5  A_DA5:OMU20_B A 5  ? B 20 ? 20 1 
1 A DA  6  1_555 B DT  7  1_555 -0.018 -0.072 0.215  2.208   -13.300 4.760  6  A_DA6:DT19_B  A 6  ? B 19 ? 20 1 
1 A DT  7  1_555 B DA  6  1_555 0.005  -0.137 0.208  0.720   -15.947 6.010  7  A_DT7:DA18_B  A 7  ? B 18 ? 20 1 
1 A OMU 8  1_555 B DA  5  1_555 -0.137 -0.097 0.310  -12.695 -21.544 3.553  8  A_OMU8:DA17_B A 8  ? B 17 ? 20 1 
1 A DC  9  1_555 B DG  4  1_555 0.182  -0.110 0.257  -17.360 -5.432  -2.666 9  A_DC9:DG16_B  A 9  ? B 16 ? 19 1 
1 A DG  10 1_555 B DC  3  1_555 -0.113 -0.112 0.337  5.524   -6.185  2.260  10 A_DG10:DC15_B A 10 ? B 15 ? 19 1 
1 A DC  11 1_555 B DG  2  1_555 0.144  -0.172 0.330  0.590   -18.226 -3.787 11 A_DC11:DG14_B A 11 ? B 14 ? 19 1 
1 A DG  12 1_555 B DC  1  1_555 -0.120 -0.109 0.366  10.730  -2.895  -3.342 12 A_DG12:DC13_B A 12 ? B 13 ? 19 1 
# 
loop_
_ndb_struct_na_base_pair_step.model_number 
_ndb_struct_na_base_pair_step.i_label_asym_id_1 
_ndb_struct_na_base_pair_step.i_label_comp_id_1 
_ndb_struct_na_base_pair_step.i_label_seq_id_1 
_ndb_struct_na_base_pair_step.i_symmetry_1 
_ndb_struct_na_base_pair_step.j_label_asym_id_1 
_ndb_struct_na_base_pair_step.j_label_comp_id_1 
_ndb_struct_na_base_pair_step.j_label_seq_id_1 
_ndb_struct_na_base_pair_step.j_symmetry_1 
_ndb_struct_na_base_pair_step.i_label_asym_id_2 
_ndb_struct_na_base_pair_step.i_label_comp_id_2 
_ndb_struct_na_base_pair_step.i_label_seq_id_2 
_ndb_struct_na_base_pair_step.i_symmetry_2 
_ndb_struct_na_base_pair_step.j_label_asym_id_2 
_ndb_struct_na_base_pair_step.j_label_comp_id_2 
_ndb_struct_na_base_pair_step.j_label_seq_id_2 
_ndb_struct_na_base_pair_step.j_symmetry_2 
_ndb_struct_na_base_pair_step.shift 
_ndb_struct_na_base_pair_step.slide 
_ndb_struct_na_base_pair_step.rise 
_ndb_struct_na_base_pair_step.tilt 
_ndb_struct_na_base_pair_step.roll 
_ndb_struct_na_base_pair_step.twist 
_ndb_struct_na_base_pair_step.x_displacement 
_ndb_struct_na_base_pair_step.y_displacement 
_ndb_struct_na_base_pair_step.helical_rise 
_ndb_struct_na_base_pair_step.inclination 
_ndb_struct_na_base_pair_step.tip 
_ndb_struct_na_base_pair_step.helical_twist 
_ndb_struct_na_base_pair_step.step_number 
_ndb_struct_na_base_pair_step.step_name 
_ndb_struct_na_base_pair_step.i_auth_asym_id_1 
_ndb_struct_na_base_pair_step.i_auth_seq_id_1 
_ndb_struct_na_base_pair_step.i_PDB_ins_code_1 
_ndb_struct_na_base_pair_step.j_auth_asym_id_1 
_ndb_struct_na_base_pair_step.j_auth_seq_id_1 
_ndb_struct_na_base_pair_step.j_PDB_ins_code_1 
_ndb_struct_na_base_pair_step.i_auth_asym_id_2 
_ndb_struct_na_base_pair_step.i_auth_seq_id_2 
_ndb_struct_na_base_pair_step.i_PDB_ins_code_2 
_ndb_struct_na_base_pair_step.j_auth_asym_id_2 
_ndb_struct_na_base_pair_step.j_auth_seq_id_2 
_ndb_struct_na_base_pair_step.j_PDB_ins_code_2 
1 A DC  1  1_555 B DG  12 1_555 A DG  2  1_555 B DC  11 1_555 0.109  -0.327 3.209 -3.724 6.817   32.777 -1.644 -0.778 3.051 11.873 
6.486  33.660 1  AA_DC1DG2:DC23DG24_BB   A 1  ? B 24 ? A 2  ? B 23 ? 
1 A DG  2  1_555 B DC  11 1_555 A DC  3  1_555 B DG  10 1_555 0.506  0.029  3.715 2.703  -7.957  41.301 0.978  -0.386 3.673 
-11.141 -3.785 42.111 2  AA_DG2DC3:DG22DC23_BB   A 2  ? B 23 ? A 3  ? B 22 ? 
1 A DC  3  1_555 B DG  10 1_555 A DG  4  1_555 B DC  9  1_555 -0.298 0.124  2.973 1.415  9.111   28.428 -1.491 0.847  2.857 17.965 
-2.790 29.856 3  AA_DC3DG4:DC21DG22_BB   A 3  ? B 22 ? A 4  ? B 21 ? 
1 A DG  4  1_555 B DC  9  1_555 A DA  5  1_555 B OMU 8  1_555 -0.328 -0.285 3.314 -4.854 3.997   39.479 -0.884 -0.086 3.287 5.872 
7.130  39.956 4  AA_DG4DA5:OMU20DC21_BB  A 4  ? B 21 ? A 5  ? B 20 ? 
1 A DA  5  1_555 B OMU 8  1_555 A DA  6  1_555 B DT  7  1_555 0.127  -0.417 3.344 -0.797 -3.115  34.036 -0.204 -0.346 3.364 -5.307 
1.357  34.183 5  AA_DA5DA6:DT19OMU20_BB  A 5  ? B 20 ? A 6  ? B 19 ? 
1 A DA  6  1_555 B DT  7  1_555 A DT  7  1_555 B DA  6  1_555 0.058  -0.556 3.268 -0.395 2.051   30.931 -1.432 -0.184 3.225 3.841 
0.739  31.000 6  AA_DA6DT7:DA18DT19_BB   A 6  ? B 19 ? A 7  ? B 18 ? 
1 A DT  7  1_555 B DA  6  1_555 A OMU 8  1_555 B DA  5  1_555 -0.027 -0.357 3.500 0.690  -4.283  35.137 0.092  0.154  3.516 -7.061 
-1.138 35.395 7  AA_DT7OMU8:DA17DA18_BB  A 7  ? B 18 ? A 8  ? B 17 ? 
1 A OMU 8  1_555 B DA  5  1_555 A DC  9  1_555 B DG  4  1_555 -0.204 -0.442 3.404 1.982  -1.296  41.925 -0.477 0.499  3.403 -1.810 
-2.767 41.989 8  AA_OMU8DC9:DG16DA17_BB  A 8  ? B 17 ? A 9  ? B 16 ? 
1 A DC  9  1_555 B DG  4  1_555 A DG  10 1_555 B DC  3  1_555 0.431  0.583  2.886 -1.028 5.229   27.384 0.091  -1.115 2.926 10.915 
2.145  27.888 9  AA_DC9DG10:DC15DG16_BB  A 9  ? B 16 ? A 10 ? B 15 ? 
1 A DG  10 1_555 B DC  3  1_555 A DC  11 1_555 B DG  2  1_555 -1.072 0.977  3.639 -2.101 -17.227 45.599 2.609  1.129  3.141 
-21.338 2.602  48.625 10 AA_DG10DC11:DG14DC15_BB A 10 ? B 15 ? A 11 ? B 14 ? 
1 A DC  11 1_555 B DG  2  1_555 A DG  12 1_555 B DC  1  1_555 -0.123 0.351  3.187 -1.750 1.197   33.549 0.416  -0.067 3.199 2.071 
3.027  33.614 11 AA_DC11DG12:DC13DG14_BB A 11 ? B 14 ? A 12 ? B 13 ? 
# 
loop_
_pdbx_entity_nonpoly.entity_id 
_pdbx_entity_nonpoly.name 
_pdbx_entity_nonpoly.comp_id 
2 'COBALT (II) ION'             CO  
3 'MAGNESIUM ION'               MG  
4 '(6-AMINOHEXYL)CARBAMIC ACID' CMY 
5 water                         HOH 
# 
_pdbx_initial_refinement_model.id               1 
_pdbx_initial_refinement_model.entity_id_list   ? 
_pdbx_initial_refinement_model.type             'experimental model' 
_pdbx_initial_refinement_model.source_name      PDB 
_pdbx_initial_refinement_model.accession_code   355D 
_pdbx_initial_refinement_model.details          'PDB ENTRY 355D' 
# 
